data_5KQ1
#
_entry.id   5KQ1
#
_cell.length_a   45.622
_cell.length_b   118.727
_cell.length_c   93.174
_cell.angle_alpha   90.00
_cell.angle_beta   102.77
_cell.angle_gamma   90.00
#
_symmetry.space_group_name_H-M   'P 1 21 1'
#
loop_
_entity.id
_entity.type
_entity.pdbx_description
1 polymer 'mRNA-decapping enzyme subunit 1'
2 polymer 'Proline-rich nuclear receptor coactivator 2'
3 polymer 'mRNA decapping complex subunit 2'
#
loop_
_entity_poly.entity_id
_entity_poly.type
_entity_poly.pdbx_seq_one_letter_code
_entity_poly.pdbx_strand_id
1 'polypeptide(L)'
;GEFMEDENILRNAVNLQVLKFHYPEIESIIDIASHVAVYQFDVGSQKWLKTSIEGTFFLVKDQRARVGYVILNRNSPENL
YLFINHPSNVHLVDRYLIHRTENQHVVGLWMFDPNDMSRIFNIVKESLLR
;
A,D
2 'polypeptide(L)' QNYAGAKFSEPPSPSVLPKPPSHWVPVSFNP C,F
3 'polypeptide(L)'
;GGGGSMSFTNATFSQVLDDLSARFILNLPAEEQSSVERLCFQIEQAHWFYEDFIRAQNDQLPSLGLRVFSAKLFAHCPLL
WKWSKVHEEAFDDFLRYKTRIPVRGAIMLDMSMQQCVLVKGWKASSGWGFPKGKIDKDESDVDCAIREVYEETGFDCSSR
INPNEFIDMTIRGQNVRLYIIPGISLDTRFESRTRKEISKIEWHNLMDLPTFKKNKPQTMKNKFYMVIPFLAPLKKWIKK
RNIANNTTK
;
B,E
#
# COMPACT_ATOMS: atom_id res chain seq x y z
N MET A 4 47.73 -16.50 1.22
CA MET A 4 48.25 -16.60 2.57
C MET A 4 47.14 -16.86 3.56
N GLU A 5 47.43 -17.68 4.57
CA GLU A 5 46.40 -18.10 5.51
C GLU A 5 46.08 -17.03 6.54
N ASP A 6 47.11 -16.29 7.00
CA ASP A 6 46.92 -15.32 8.08
C ASP A 6 45.84 -14.29 7.73
N GLU A 7 45.70 -13.97 6.44
CA GLU A 7 44.73 -12.98 6.01
C GLU A 7 43.31 -13.40 6.42
N ASN A 8 43.01 -14.69 6.32
CA ASN A 8 41.68 -15.17 6.67
C ASN A 8 41.44 -15.10 8.17
N ILE A 9 42.47 -15.36 8.97
CA ILE A 9 42.32 -15.25 10.42
C ILE A 9 42.04 -13.81 10.83
N LEU A 10 42.76 -12.86 10.24
CA LEU A 10 42.52 -11.46 10.58
C LEU A 10 41.14 -11.01 10.08
N ARG A 11 40.77 -11.43 8.87
CA ARG A 11 39.46 -11.10 8.32
C ARG A 11 38.34 -11.60 9.23
N ASN A 12 38.38 -12.89 9.59
CA ASN A 12 37.36 -13.45 10.46
C ASN A 12 37.37 -12.78 11.83
N ALA A 13 38.55 -12.39 12.31
CA ALA A 13 38.61 -11.72 13.61
C ALA A 13 37.87 -10.39 13.58
N VAL A 14 38.11 -9.59 12.54
CA VAL A 14 37.41 -8.31 12.43
C VAL A 14 35.91 -8.54 12.24
N ASN A 15 35.53 -9.49 11.37
CA ASN A 15 34.12 -9.81 11.16
C ASN A 15 33.43 -10.13 12.49
N LEU A 16 34.03 -11.00 13.29
CA LEU A 16 33.44 -11.37 14.57
C LEU A 16 33.39 -10.19 15.52
N GLN A 17 34.40 -9.33 15.48
CA GLN A 17 34.37 -8.14 16.34
C GLN A 17 33.18 -7.24 15.98
N VAL A 18 32.87 -7.11 14.69
CA VAL A 18 31.75 -6.28 14.27
C VAL A 18 30.43 -6.92 14.68
N LEU A 19 30.24 -8.20 14.35
CA LEU A 19 29.00 -8.88 14.71
C LEU A 19 28.76 -8.85 16.21
N LYS A 20 29.81 -9.11 17.00
CA LYS A 20 29.69 -9.00 18.45
C LYS A 20 29.42 -7.57 18.89
N PHE A 21 29.83 -6.58 18.08
CA PHE A 21 29.48 -5.21 18.43
C PHE A 21 27.98 -4.98 18.26
N HIS A 22 27.38 -5.57 17.23
CA HIS A 22 25.93 -5.42 17.07
C HIS A 22 25.16 -6.43 17.93
N TYR A 23 25.66 -7.64 18.07
CA TYR A 23 24.94 -8.71 18.77
C TYR A 23 25.88 -9.40 19.75
N PRO A 24 25.84 -9.01 21.03
CA PRO A 24 26.79 -9.57 22.00
C PRO A 24 26.68 -11.08 22.16
N GLU A 25 25.48 -11.65 21.99
CA GLU A 25 25.33 -13.09 22.22
C GLU A 25 25.99 -13.94 21.15
N ILE A 26 26.38 -13.36 20.01
CA ILE A 26 27.05 -14.13 18.97
C ILE A 26 28.41 -14.59 19.50
N GLU A 27 28.77 -15.83 19.17
CA GLU A 27 30.01 -16.45 19.63
C GLU A 27 31.01 -16.71 18.51
N SER A 28 30.56 -17.22 17.37
CA SER A 28 31.46 -17.56 16.28
C SER A 28 30.72 -17.45 14.96
N ILE A 29 31.49 -17.41 13.88
CA ILE A 29 30.95 -17.31 12.53
C ILE A 29 31.12 -18.66 11.86
N ILE A 30 30.00 -19.31 11.54
CA ILE A 30 30.06 -20.62 10.90
C ILE A 30 30.46 -20.46 9.44
N ASP A 31 29.84 -19.52 8.72
CA ASP A 31 30.15 -19.37 7.30
C ASP A 31 29.72 -17.98 6.85
N ILE A 32 30.12 -17.62 5.63
CA ILE A 32 29.84 -16.30 5.08
C ILE A 32 29.44 -16.42 3.62
N ALA A 33 28.40 -15.68 3.23
CA ALA A 33 27.99 -15.51 1.84
C ALA A 33 28.17 -14.05 1.46
N SER A 34 28.67 -13.84 0.24
CA SER A 34 29.16 -12.51 -0.16
C SER A 34 28.01 -11.52 -0.30
N HIS A 35 27.03 -11.83 -1.14
CA HIS A 35 25.93 -10.91 -1.43
C HIS A 35 24.64 -11.69 -1.55
N VAL A 36 23.68 -11.37 -0.68
CA VAL A 36 22.37 -11.99 -0.67
C VAL A 36 21.31 -10.91 -0.63
N ALA A 37 20.14 -11.22 -1.20
CA ALA A 37 18.98 -10.36 -1.15
C ALA A 37 17.89 -11.04 -0.33
N VAL A 38 17.15 -10.23 0.42
CA VAL A 38 16.14 -10.70 1.36
C VAL A 38 14.77 -10.33 0.82
N TYR A 39 13.91 -11.33 0.69
CA TYR A 39 12.52 -11.16 0.30
C TYR A 39 11.64 -11.62 1.45
N GLN A 40 10.42 -11.10 1.49
CA GLN A 40 9.44 -11.54 2.47
C GLN A 40 8.16 -11.87 1.73
N PHE A 41 7.45 -12.89 2.19
CA PHE A 41 6.17 -13.26 1.59
C PHE A 41 5.07 -12.61 2.40
N ASP A 42 4.20 -11.85 1.74
CA ASP A 42 3.14 -11.13 2.43
C ASP A 42 1.86 -11.95 2.39
N VAL A 43 1.28 -12.19 3.56
CA VAL A 43 0.11 -13.06 3.65
C VAL A 43 -1.12 -12.40 3.03
N GLY A 44 -1.27 -11.09 3.21
CA GLY A 44 -2.41 -10.39 2.63
C GLY A 44 -2.33 -10.32 1.12
N SER A 45 -1.15 -9.97 0.59
CA SER A 45 -0.99 -9.88 -0.85
C SER A 45 -0.96 -11.26 -1.50
N GLN A 46 -0.55 -12.29 -0.75
CA GLN A 46 -0.33 -13.63 -1.27
C GLN A 46 0.79 -13.67 -2.32
N LYS A 47 1.76 -12.76 -2.20
CA LYS A 47 2.86 -12.69 -3.14
C LYS A 47 4.16 -12.38 -2.40
N TRP A 48 5.25 -12.61 -3.12
CA TRP A 48 6.59 -12.27 -2.65
C TRP A 48 6.85 -10.79 -2.84
N LEU A 49 7.57 -10.20 -1.89
CA LEU A 49 7.96 -8.81 -1.92
C LEU A 49 9.45 -8.72 -1.64
N LYS A 50 10.10 -7.70 -2.21
CA LYS A 50 11.51 -7.46 -1.97
C LYS A 50 11.67 -6.50 -0.81
N THR A 51 12.47 -6.90 0.18
CA THR A 51 12.76 -6.04 1.32
C THR A 51 13.97 -5.17 1.01
N SER A 52 14.08 -4.06 1.74
CA SER A 52 15.18 -3.13 1.55
C SER A 52 16.44 -3.56 2.26
N ILE A 53 16.57 -4.85 2.56
CA ILE A 53 17.72 -5.42 3.25
C ILE A 53 18.56 -6.16 2.23
N GLU A 54 19.83 -5.77 2.12
CA GLU A 54 20.74 -6.37 1.16
C GLU A 54 22.16 -6.26 1.73
N GLY A 55 22.97 -7.27 1.50
CA GLY A 55 24.35 -7.16 1.92
C GLY A 55 24.94 -8.53 2.25
N THR A 56 25.93 -8.50 3.12
CA THR A 56 26.71 -9.69 3.44
C THR A 56 25.96 -10.57 4.44
N PHE A 57 26.06 -11.89 4.22
CA PHE A 57 25.33 -12.91 4.97
C PHE A 57 26.32 -13.64 5.88
N PHE A 58 26.04 -13.64 7.18
CA PHE A 58 26.88 -14.30 8.17
C PHE A 58 26.07 -15.39 8.85
N LEU A 59 26.50 -16.63 8.66
CA LEU A 59 25.96 -17.78 9.40
C LEU A 59 26.74 -17.92 10.69
N VAL A 60 26.07 -17.63 11.82
CA VAL A 60 26.69 -17.51 13.12
C VAL A 60 26.02 -18.48 14.10
N LYS A 61 26.77 -18.79 15.16
CA LYS A 61 26.29 -19.50 16.33
C LYS A 61 26.45 -18.58 17.54
N ASP A 62 25.47 -18.60 18.45
CA ASP A 62 25.53 -17.72 19.60
C ASP A 62 25.98 -18.49 20.84
N GLN A 63 25.91 -17.84 22.00
CA GLN A 63 26.32 -18.48 23.26
C GLN A 63 25.45 -19.70 23.56
N ARG A 64 24.14 -19.59 23.35
CA ARG A 64 23.19 -20.65 23.64
C ARG A 64 23.20 -21.76 22.61
N ALA A 65 24.28 -21.89 21.84
CA ALA A 65 24.46 -22.89 20.80
C ALA A 65 23.41 -22.79 19.68
N ARG A 66 22.62 -21.72 19.66
CA ARG A 66 21.62 -21.56 18.62
C ARG A 66 22.28 -21.18 17.30
N VAL A 67 21.71 -21.66 16.21
CA VAL A 67 22.18 -21.35 14.87
C VAL A 67 21.32 -20.22 14.32
N GLY A 68 21.96 -19.21 13.76
CA GLY A 68 21.24 -18.08 13.19
C GLY A 68 22.06 -17.42 12.11
N TYR A 69 21.49 -16.39 11.50
CA TYR A 69 22.20 -15.62 10.50
C TYR A 69 21.94 -14.13 10.70
N VAL A 70 23.00 -13.36 10.52
CA VAL A 70 22.97 -11.90 10.50
C VAL A 70 23.29 -11.45 9.08
N ILE A 71 22.51 -10.50 8.57
CA ILE A 71 22.74 -9.90 7.28
C ILE A 71 23.00 -8.43 7.53
N LEU A 72 24.22 -7.99 7.25
CA LEU A 72 24.65 -6.60 7.46
C LEU A 72 24.15 -5.76 6.29
N ASN A 73 23.10 -5.00 6.51
CA ASN A 73 22.42 -4.29 5.44
C ASN A 73 23.30 -3.22 4.82
N ARG A 74 23.47 -3.29 3.50
CA ARG A 74 24.20 -2.30 2.74
C ARG A 74 23.35 -1.12 2.31
N ASN A 75 22.04 -1.16 2.57
CA ASN A 75 21.13 -0.08 2.17
C ASN A 75 20.68 0.80 3.32
N SER A 76 20.71 0.30 4.55
CA SER A 76 20.21 1.03 5.71
C SER A 76 20.79 0.41 6.96
N PRO A 77 20.76 1.12 8.10
CA PRO A 77 21.32 0.55 9.33
C PRO A 77 20.53 -0.63 9.89
N GLU A 78 19.40 -1.00 9.29
CA GLU A 78 18.56 -2.08 9.81
C GLU A 78 19.09 -3.40 9.27
N ASN A 79 19.80 -4.14 10.11
CA ASN A 79 20.31 -5.45 9.75
C ASN A 79 19.23 -6.51 9.96
N LEU A 80 19.53 -7.76 9.61
CA LEU A 80 18.58 -8.85 9.82
C LEU A 80 19.24 -9.94 10.67
N TYR A 81 18.62 -10.29 11.79
CA TYR A 81 19.15 -11.33 12.67
C TYR A 81 18.03 -12.34 12.95
N LEU A 82 18.13 -13.51 12.33
CA LEU A 82 17.10 -14.52 12.49
C LEU A 82 17.71 -15.85 12.89
N PHE A 83 16.98 -16.60 13.74
CA PHE A 83 17.43 -17.91 14.19
C PHE A 83 16.74 -19.02 13.40
N ILE A 84 17.41 -20.16 13.32
CA ILE A 84 16.88 -21.37 12.70
C ILE A 84 16.79 -22.45 13.77
N ASN A 85 15.59 -22.92 14.05
CA ASN A 85 15.35 -23.85 15.15
C ASN A 85 15.03 -25.28 14.72
N HIS A 86 14.50 -25.48 13.51
CA HIS A 86 14.01 -26.79 13.09
C HIS A 86 14.37 -27.02 11.62
N PRO A 87 14.86 -28.22 11.29
CA PRO A 87 15.21 -28.50 9.88
C PRO A 87 14.06 -28.36 8.90
N SER A 88 12.82 -28.58 9.33
CA SER A 88 11.68 -28.44 8.43
C SER A 88 11.33 -26.98 8.12
N ASN A 89 11.95 -26.02 8.81
CA ASN A 89 11.65 -24.62 8.57
C ASN A 89 12.59 -23.96 7.58
N VAL A 90 13.47 -24.72 6.94
CA VAL A 90 14.37 -24.20 5.93
C VAL A 90 14.34 -25.15 4.73
N HIS A 91 13.95 -24.62 3.58
CA HIS A 91 13.88 -25.41 2.36
C HIS A 91 14.69 -24.74 1.25
N LEU A 92 15.35 -25.56 0.44
CA LEU A 92 16.06 -25.08 -0.74
C LEU A 92 15.17 -25.37 -1.95
N VAL A 93 14.52 -24.34 -2.46
CA VAL A 93 13.71 -24.45 -3.67
C VAL A 93 14.41 -23.67 -4.77
N ASP A 94 14.56 -24.29 -5.95
CA ASP A 94 15.18 -23.67 -7.12
C ASP A 94 16.51 -23.03 -6.68
N ARG A 95 16.75 -21.75 -6.97
CA ARG A 95 17.96 -21.06 -6.56
C ARG A 95 17.77 -20.22 -5.30
N TYR A 96 16.79 -20.56 -4.47
CA TYR A 96 16.41 -19.74 -3.33
C TYR A 96 16.31 -20.60 -2.08
N LEU A 97 16.50 -19.95 -0.94
CA LEU A 97 16.33 -20.60 0.36
C LEU A 97 15.19 -19.93 1.11
N ILE A 98 14.12 -20.67 1.35
CA ILE A 98 12.95 -20.13 2.04
C ILE A 98 12.95 -20.63 3.47
N HIS A 99 12.72 -19.71 4.40
CA HIS A 99 12.85 -19.94 5.83
C HIS A 99 11.61 -19.42 6.55
N ARG A 100 11.00 -20.26 7.36
CA ARG A 100 9.88 -19.86 8.21
C ARG A 100 10.45 -19.47 9.57
N THR A 101 10.39 -18.19 9.89
CA THR A 101 11.07 -17.70 11.07
C THR A 101 10.32 -18.15 12.33
N GLU A 102 10.85 -17.74 13.49
CA GLU A 102 10.22 -18.08 14.76
C GLU A 102 8.84 -17.44 14.88
N ASN A 103 8.66 -16.26 14.30
CA ASN A 103 7.38 -15.54 14.32
C ASN A 103 6.48 -15.91 13.14
N GLN A 104 6.69 -17.07 12.54
CA GLN A 104 5.86 -17.59 11.44
C GLN A 104 5.96 -16.74 10.18
N HIS A 105 6.97 -15.88 10.07
CA HIS A 105 7.20 -15.13 8.85
C HIS A 105 7.93 -15.99 7.82
N VAL A 106 7.70 -15.70 6.55
CA VAL A 106 8.31 -16.44 5.44
C VAL A 106 9.31 -15.53 4.73
N VAL A 107 10.57 -15.92 4.81
CA VAL A 107 11.68 -15.14 4.25
C VAL A 107 12.29 -15.92 3.09
N GLY A 108 12.67 -15.20 2.04
CA GLY A 108 13.37 -15.80 0.93
C GLY A 108 14.75 -15.22 0.75
N LEU A 109 15.77 -16.06 0.74
CA LEU A 109 17.15 -15.63 0.60
C LEU A 109 17.65 -16.01 -0.79
N TRP A 110 18.17 -15.01 -1.51
CA TRP A 110 18.76 -15.22 -2.82
C TRP A 110 20.24 -14.85 -2.78
N MET A 111 21.10 -15.84 -2.96
CA MET A 111 22.54 -15.60 -2.98
C MET A 111 22.97 -15.21 -4.39
N PHE A 112 23.78 -14.16 -4.50
CA PHE A 112 24.26 -13.74 -5.81
C PHE A 112 25.18 -14.79 -6.42
N ASP A 113 25.86 -15.56 -5.58
CA ASP A 113 26.68 -16.67 -6.04
C ASP A 113 25.90 -17.96 -5.84
N PRO A 114 25.61 -18.72 -6.91
CA PRO A 114 24.82 -19.94 -6.74
C PRO A 114 25.48 -21.00 -5.87
N ASN A 115 26.81 -21.09 -5.88
CA ASN A 115 27.51 -22.09 -5.07
C ASN A 115 27.36 -21.82 -3.58
N ASP A 116 27.35 -20.54 -3.19
CA ASP A 116 27.14 -20.17 -1.80
C ASP A 116 25.82 -20.73 -1.28
N MET A 117 24.78 -20.69 -2.10
CA MET A 117 23.49 -21.23 -1.69
C MET A 117 23.60 -22.69 -1.27
N SER A 118 24.20 -23.52 -2.12
CA SER A 118 24.33 -24.94 -1.81
C SER A 118 25.16 -25.15 -0.55
N ARG A 119 26.33 -24.50 -0.47
CA ARG A 119 27.22 -24.74 0.67
C ARG A 119 26.56 -24.30 1.98
N ILE A 120 25.95 -23.13 1.98
CA ILE A 120 25.32 -22.61 3.20
C ILE A 120 24.14 -23.49 3.61
N PHE A 121 23.35 -23.95 2.63
CA PHE A 121 22.20 -24.78 2.96
C PHE A 121 22.64 -26.10 3.57
N ASN A 122 23.63 -26.76 2.96
CA ASN A 122 24.08 -28.04 3.50
C ASN A 122 24.73 -27.88 4.88
N ILE A 123 25.44 -26.79 5.11
CA ILE A 123 26.01 -26.60 6.44
C ILE A 123 24.93 -26.25 7.47
N VAL A 124 23.80 -25.70 7.03
CA VAL A 124 22.68 -25.51 7.96
C VAL A 124 22.06 -26.86 8.33
N LYS A 125 21.85 -27.72 7.33
CA LYS A 125 21.40 -29.08 7.61
C LYS A 125 22.32 -29.78 8.60
N GLU A 126 23.64 -29.69 8.38
CA GLU A 126 24.58 -30.28 9.32
C GLU A 126 24.57 -29.57 10.67
N SER A 127 24.09 -28.32 10.71
CA SER A 127 24.09 -27.57 11.97
C SER A 127 22.90 -27.91 12.86
N LEU A 128 21.75 -28.27 12.27
CA LEU A 128 20.58 -28.51 13.10
C LEU A 128 20.41 -29.95 13.56
N LEU A 129 21.28 -30.86 13.15
CA LEU A 129 21.15 -32.26 13.57
C LEU A 129 21.77 -32.48 14.95
N GLU B 10 19.90 -6.01 -10.33
CA GLU B 10 20.67 -7.25 -10.40
C GLU B 10 19.99 -8.44 -9.72
N PRO B 11 19.36 -8.26 -8.55
CA PRO B 11 18.58 -9.35 -7.97
C PRO B 11 17.31 -9.58 -8.77
N PRO B 12 16.81 -10.81 -8.81
CA PRO B 12 15.58 -11.08 -9.56
C PRO B 12 14.36 -10.44 -8.92
N SER B 13 13.37 -10.16 -9.74
CA SER B 13 12.11 -9.61 -9.25
C SER B 13 11.42 -10.64 -8.36
N PRO B 14 10.68 -10.19 -7.35
CA PRO B 14 10.01 -11.13 -6.45
C PRO B 14 8.94 -11.98 -7.10
N SER B 15 8.66 -11.78 -8.40
CA SER B 15 7.68 -12.60 -9.09
C SER B 15 8.22 -13.98 -9.42
N VAL B 16 9.53 -14.09 -9.67
CA VAL B 16 10.13 -15.37 -10.04
C VAL B 16 10.43 -16.28 -8.86
N LEU B 17 10.22 -15.81 -7.63
CA LEU B 17 10.46 -16.67 -6.49
C LEU B 17 9.39 -17.75 -6.45
N PRO B 18 9.74 -19.00 -6.16
CA PRO B 18 8.75 -20.07 -6.19
C PRO B 18 7.78 -19.94 -5.02
N LYS B 19 6.71 -20.70 -5.12
CA LYS B 19 5.67 -20.62 -4.11
C LYS B 19 6.11 -21.36 -2.85
N PRO B 20 5.87 -20.80 -1.67
CA PRO B 20 6.25 -21.47 -0.42
C PRO B 20 5.39 -22.69 -0.18
N PRO B 21 5.75 -23.54 0.78
CA PRO B 21 4.92 -24.70 1.06
C PRO B 21 3.55 -24.27 1.54
N SER B 22 2.53 -25.03 1.15
CA SER B 22 1.15 -24.60 1.34
C SER B 22 0.85 -24.31 2.80
N HIS B 23 1.25 -25.21 3.70
CA HIS B 23 0.96 -25.03 5.12
C HIS B 23 1.67 -23.82 5.72
N TRP B 24 2.70 -23.27 5.06
CA TRP B 24 3.35 -22.07 5.58
C TRP B 24 2.54 -20.80 5.34
N VAL B 25 1.71 -20.77 4.31
CA VAL B 25 0.89 -19.59 4.04
C VAL B 25 -0.36 -19.65 4.90
N PRO B 26 -0.68 -18.61 5.66
CA PRO B 26 -1.98 -18.58 6.33
C PRO B 26 -3.00 -17.89 5.46
N VAL B 27 -4.19 -18.48 5.36
CA VAL B 27 -5.21 -17.89 4.52
C VAL B 27 -5.73 -16.65 5.21
N SER B 28 -6.05 -15.62 4.42
CA SER B 28 -6.32 -14.31 5.02
C SER B 28 -7.77 -14.16 5.45
N PHE B 29 -8.75 -14.60 4.65
CA PHE B 29 -10.13 -14.51 5.10
C PHE B 29 -11.00 -15.57 4.46
N ASN B 30 -12.27 -15.47 4.81
CA ASN B 30 -13.33 -16.21 4.15
C ASN B 30 -13.30 -15.97 2.64
N PRO B 31 -13.61 -16.99 1.81
CA PRO B 31 -13.71 -16.78 0.37
C PRO B 31 -14.76 -15.72 0.00
N SER C 5 17.50 3.60 13.92
CA SER C 5 18.34 2.73 14.72
C SER C 5 19.13 3.49 15.77
N MET C 6 19.75 2.75 16.69
CA MET C 6 20.61 3.31 17.72
C MET C 6 21.98 2.63 17.76
N SER C 7 22.27 1.75 16.79
CA SER C 7 23.43 0.87 16.88
C SER C 7 24.76 1.62 16.90
N PHE C 8 24.79 2.88 16.45
CA PHE C 8 26.04 3.65 16.40
C PHE C 8 26.04 4.84 17.34
N THR C 9 25.07 4.96 18.23
CA THR C 9 24.98 6.16 19.08
C THR C 9 26.13 6.23 20.07
N ASN C 10 26.70 5.08 20.44
CA ASN C 10 27.79 5.04 21.41
C ASN C 10 29.06 4.42 20.82
N ALA C 11 29.18 4.40 19.50
CA ALA C 11 30.31 3.77 18.84
C ALA C 11 31.45 4.78 18.67
N THR C 12 32.68 4.29 18.85
CA THR C 12 33.85 5.09 18.54
C THR C 12 34.10 5.11 17.04
N PHE C 13 34.90 6.09 16.61
CA PHE C 13 35.21 6.21 15.19
C PHE C 13 35.89 4.95 14.66
N SER C 14 36.76 4.35 15.46
CA SER C 14 37.43 3.11 15.03
C SER C 14 36.43 1.97 14.90
N GLN C 15 35.48 1.86 15.83
CA GLN C 15 34.44 0.85 15.71
C GLN C 15 33.60 1.09 14.45
N VAL C 16 33.37 2.35 14.11
CA VAL C 16 32.61 2.68 12.91
C VAL C 16 33.38 2.25 11.66
N LEU C 17 34.69 2.51 11.63
CA LEU C 17 35.49 2.06 10.50
C LEU C 17 35.51 0.54 10.40
N ASP C 18 35.52 -0.15 11.53
CA ASP C 18 35.42 -1.61 11.52
C ASP C 18 34.09 -2.06 10.91
N ASP C 19 32.99 -1.46 11.38
CA ASP C 19 31.66 -1.83 10.88
C ASP C 19 31.57 -1.58 9.38
N LEU C 20 32.03 -0.42 8.93
CA LEU C 20 31.95 -0.10 7.50
C LEU C 20 32.83 -1.03 6.69
N SER C 21 34.01 -1.38 7.21
CA SER C 21 34.90 -2.27 6.48
C SER C 21 34.30 -3.65 6.31
N ALA C 22 33.73 -4.21 7.39
CA ALA C 22 33.08 -5.52 7.28
C ALA C 22 31.82 -5.42 6.42
N ARG C 23 31.10 -4.31 6.51
CA ARG C 23 29.82 -4.18 5.80
C ARG C 23 30.02 -4.05 4.30
N PHE C 24 31.09 -3.37 3.87
CA PHE C 24 31.23 -2.96 2.47
C PHE C 24 32.44 -3.50 1.72
N ILE C 25 33.53 -3.89 2.39
CA ILE C 25 34.81 -4.08 1.73
C ILE C 25 35.38 -5.48 1.95
N LEU C 26 35.39 -5.95 3.21
CA LEU C 26 36.22 -7.10 3.56
C LEU C 26 35.77 -8.38 2.86
N ASN C 27 34.45 -8.58 2.72
CA ASN C 27 33.93 -9.87 2.32
C ASN C 27 33.56 -9.95 0.84
N LEU C 28 34.03 -9.00 0.01
CA LEU C 28 33.80 -9.08 -1.42
C LEU C 28 34.48 -10.31 -2.02
N PRO C 29 33.95 -10.82 -3.14
CA PRO C 29 34.67 -11.87 -3.87
C PRO C 29 36.00 -11.31 -4.35
N ALA C 30 36.97 -12.20 -4.53
CA ALA C 30 38.31 -11.76 -4.90
C ALA C 30 38.30 -10.96 -6.20
N GLU C 31 37.43 -11.32 -7.14
CA GLU C 31 37.32 -10.56 -8.38
C GLU C 31 36.92 -9.11 -8.12
N GLU C 32 36.00 -8.88 -7.17
CA GLU C 32 35.66 -7.52 -6.80
C GLU C 32 36.78 -6.83 -6.04
N GLN C 33 37.55 -7.59 -5.24
CA GLN C 33 38.59 -6.98 -4.45
C GLN C 33 39.78 -6.54 -5.29
N SER C 34 40.07 -7.26 -6.37
CA SER C 34 41.21 -6.88 -7.20
C SER C 34 40.93 -5.65 -8.04
N SER C 35 39.69 -5.47 -8.48
CA SER C 35 39.35 -4.36 -9.36
C SER C 35 39.38 -3.04 -8.61
N VAL C 36 40.07 -2.06 -9.18
CA VAL C 36 40.06 -0.72 -8.60
C VAL C 36 38.65 -0.15 -8.65
N GLU C 37 37.96 -0.33 -9.78
CA GLU C 37 36.64 0.27 -9.97
C GLU C 37 35.62 -0.28 -8.97
N ARG C 38 35.58 -1.61 -8.80
CA ARG C 38 34.68 -2.20 -7.82
C ARG C 38 34.98 -1.66 -6.42
N LEU C 39 36.27 -1.56 -6.11
CA LEU C 39 36.69 -1.10 -4.79
C LEU C 39 36.22 0.33 -4.55
N CYS C 40 36.36 1.19 -5.56
CA CYS C 40 35.81 2.54 -5.47
C CYS C 40 34.30 2.51 -5.25
N PHE C 41 33.59 1.64 -5.98
CA PHE C 41 32.15 1.51 -5.76
C PHE C 41 31.83 1.23 -4.29
N GLN C 42 32.54 0.26 -3.70
CA GLN C 42 32.26 -0.10 -2.32
C GLN C 42 32.65 1.02 -1.36
N ILE C 43 33.78 1.69 -1.60
CA ILE C 43 34.18 2.78 -0.70
C ILE C 43 33.20 3.94 -0.78
N GLU C 44 32.71 4.26 -1.99
CA GLU C 44 31.71 5.31 -2.11
C GLU C 44 30.44 4.94 -1.37
N GLN C 45 30.00 3.68 -1.48
CA GLN C 45 28.81 3.24 -0.76
C GLN C 45 29.01 3.35 0.75
N ALA C 46 30.19 2.95 1.24
CA ALA C 46 30.47 3.06 2.66
C ALA C 46 30.52 4.52 3.12
N HIS C 47 31.07 5.39 2.28
CA HIS C 47 31.14 6.81 2.61
C HIS C 47 29.75 7.41 2.73
N TRP C 48 28.89 7.15 1.74
CA TRP C 48 27.51 7.64 1.80
C TRP C 48 26.79 7.05 3.01
N PHE C 49 27.01 5.76 3.27
CA PHE C 49 26.41 5.14 4.46
C PHE C 49 26.84 5.86 5.72
N TYR C 50 28.11 6.23 5.82
CA TYR C 50 28.63 6.92 6.99
C TYR C 50 27.99 8.29 7.15
N GLU C 51 27.95 9.06 6.05
CA GLU C 51 27.44 10.43 6.14
C GLU C 51 25.94 10.46 6.40
N ASP C 52 25.18 9.62 5.70
CA ASP C 52 23.73 9.73 5.70
C ASP C 52 23.11 9.09 6.94
N PHE C 53 23.69 7.99 7.42
CA PHE C 53 23.11 7.24 8.53
C PHE C 53 23.92 7.39 9.82
N ILE C 54 25.19 7.00 9.80
CA ILE C 54 25.96 6.91 11.05
C ILE C 54 26.15 8.27 11.70
N ARG C 55 26.43 9.30 10.90
CA ARG C 55 26.60 10.64 11.47
C ARG C 55 25.32 11.15 12.12
N ALA C 56 24.15 10.71 11.62
CA ALA C 56 22.89 11.15 12.21
C ALA C 56 22.75 10.64 13.64
N GLN C 57 23.15 9.40 13.88
CA GLN C 57 23.04 8.82 15.22
C GLN C 57 24.02 9.47 16.20
N ASN C 58 25.15 9.97 15.71
CA ASN C 58 26.15 10.56 16.59
C ASN C 58 26.81 11.71 15.83
N ASP C 59 26.50 12.95 16.20
CA ASP C 59 27.14 14.10 15.57
C ASP C 59 28.56 14.33 16.07
N GLN C 60 29.03 13.55 17.05
CA GLN C 60 30.43 13.68 17.44
C GLN C 60 31.36 13.15 16.35
N LEU C 61 30.83 12.32 15.45
CA LEU C 61 31.60 11.88 14.30
C LEU C 61 31.71 13.04 13.30
N PRO C 62 32.88 13.27 12.72
CA PRO C 62 33.03 14.40 11.81
C PRO C 62 32.68 14.03 10.37
N SER C 63 32.13 15.01 9.67
CA SER C 63 31.89 14.87 8.25
C SER C 63 33.21 14.86 7.50
N LEU C 64 33.37 13.91 6.57
CA LEU C 64 34.62 13.73 5.86
C LEU C 64 34.37 13.72 4.37
N GLY C 65 35.23 14.41 3.62
CA GLY C 65 35.22 14.25 2.19
C GLY C 65 35.50 12.82 1.77
N LEU C 66 35.04 12.48 0.56
CA LEU C 66 35.24 11.13 0.04
C LEU C 66 36.71 10.74 0.07
N ARG C 67 37.59 11.69 -0.27
CA ARG C 67 39.02 11.40 -0.34
C ARG C 67 39.63 11.25 1.05
N VAL C 68 39.25 12.12 1.98
CA VAL C 68 39.75 12.01 3.35
C VAL C 68 39.24 10.74 4.02
N PHE C 69 37.93 10.49 3.91
CA PHE C 69 37.34 9.28 4.47
C PHE C 69 37.97 8.03 3.88
N SER C 70 38.14 7.99 2.56
CA SER C 70 38.78 6.85 1.93
C SER C 70 40.21 6.66 2.43
N ALA C 71 40.91 7.75 2.67
CA ALA C 71 42.27 7.65 3.20
C ALA C 71 42.27 7.04 4.60
N LYS C 72 41.39 7.56 5.48
CA LYS C 72 41.30 7.03 6.84
C LYS C 72 40.93 5.56 6.84
N LEU C 73 39.99 5.18 5.96
CA LEU C 73 39.61 3.77 5.87
C LEU C 73 40.79 2.93 5.40
N PHE C 74 41.54 3.40 4.41
CA PHE C 74 42.71 2.66 3.95
C PHE C 74 43.72 2.45 5.08
N ALA C 75 43.94 3.48 5.90
CA ALA C 75 44.87 3.33 7.00
C ALA C 75 44.33 2.37 8.06
N HIS C 76 43.02 2.43 8.34
CA HIS C 76 42.46 1.67 9.46
C HIS C 76 42.57 0.17 9.26
N CYS C 77 42.26 -0.32 8.08
CA CYS C 77 42.14 -1.76 7.87
C CYS C 77 43.48 -2.34 7.46
N PRO C 78 44.06 -3.25 8.25
CA PRO C 78 45.36 -3.83 7.85
C PRO C 78 45.29 -4.65 6.59
N LEU C 79 44.16 -5.29 6.31
CA LEU C 79 44.03 -6.05 5.08
C LEU C 79 44.17 -5.14 3.87
N LEU C 80 43.55 -3.96 3.94
CA LEU C 80 43.63 -2.98 2.86
C LEU C 80 45.06 -2.54 2.61
N TRP C 81 45.91 -2.58 3.65
CA TRP C 81 47.31 -2.22 3.48
C TRP C 81 48.02 -3.07 2.43
N LYS C 82 47.40 -4.15 1.95
CA LYS C 82 48.00 -4.90 0.86
C LYS C 82 48.22 -4.02 -0.37
N TRP C 83 47.43 -2.95 -0.50
CA TRP C 83 47.57 -2.05 -1.64
C TRP C 83 48.89 -1.29 -1.56
N SER C 84 49.57 -1.20 -2.71
CA SER C 84 50.89 -0.60 -2.78
C SER C 84 50.80 0.92 -2.85
N LYS C 85 51.94 1.57 -2.61
CA LYS C 85 52.03 3.02 -2.78
C LYS C 85 51.65 3.43 -4.19
N VAL C 86 52.16 2.70 -5.20
CA VAL C 86 51.83 2.99 -6.58
C VAL C 86 50.35 2.72 -6.85
N HIS C 87 49.80 1.68 -6.23
CA HIS C 87 48.42 1.30 -6.48
C HIS C 87 47.44 2.18 -5.70
N GLU C 88 47.82 2.66 -4.52
CA GLU C 88 47.01 3.68 -3.85
C GLU C 88 47.11 5.01 -4.57
N GLU C 89 48.27 5.27 -5.20
CA GLU C 89 48.41 6.41 -6.10
C GLU C 89 47.39 6.36 -7.22
N ALA C 90 47.41 5.28 -8.01
CA ALA C 90 46.50 5.16 -9.14
C ALA C 90 45.04 5.08 -8.69
N PHE C 91 44.80 4.43 -7.54
CA PHE C 91 43.44 4.32 -7.03
C PHE C 91 42.90 5.68 -6.63
N ASP C 92 43.68 6.46 -5.89
CA ASP C 92 43.26 7.81 -5.55
C ASP C 92 43.08 8.66 -6.80
N ASP C 93 43.86 8.40 -7.86
CA ASP C 93 43.62 9.10 -9.11
C ASP C 93 42.27 8.72 -9.70
N PHE C 94 41.89 7.44 -9.59
CA PHE C 94 40.59 7.02 -10.11
C PHE C 94 39.45 7.64 -9.30
N LEU C 95 39.46 7.45 -7.99
CA LEU C 95 38.42 7.99 -7.12
C LEU C 95 38.30 9.50 -7.29
N ARG C 96 39.44 10.20 -7.25
CA ARG C 96 39.42 11.64 -7.36
C ARG C 96 38.91 12.09 -8.72
N TYR C 97 39.20 11.30 -9.77
CA TYR C 97 38.93 11.73 -11.13
C TYR C 97 37.84 10.91 -11.81
N LYS C 98 37.18 10.00 -11.09
CA LYS C 98 36.11 9.19 -11.66
C LYS C 98 34.93 10.07 -12.10
N THR C 99 34.45 9.84 -13.31
CA THR C 99 33.26 10.53 -13.80
C THR C 99 32.03 9.93 -13.13
N ARG C 100 31.29 10.77 -12.42
CA ARG C 100 30.12 10.33 -11.67
C ARG C 100 28.86 10.89 -12.31
N ILE C 101 27.74 10.20 -12.07
CA ILE C 101 26.48 10.61 -12.68
C ILE C 101 26.04 11.95 -12.11
N PRO C 102 25.71 12.95 -12.93
CA PRO C 102 25.30 14.25 -12.40
C PRO C 102 23.82 14.24 -12.03
N VAL C 103 23.52 14.67 -10.80
CA VAL C 103 22.15 14.87 -10.36
C VAL C 103 22.00 16.29 -9.83
N ARG C 104 20.88 16.91 -10.16
CA ARG C 104 20.62 18.29 -9.83
C ARG C 104 19.26 18.42 -9.15
N GLY C 105 19.19 19.35 -8.22
CA GLY C 105 17.98 19.57 -7.47
C GLY C 105 17.99 20.93 -6.82
N ALA C 106 17.03 21.14 -5.92
CA ALA C 106 16.92 22.41 -5.22
C ALA C 106 16.60 22.20 -3.75
N ILE C 107 17.09 23.13 -2.94
CA ILE C 107 16.70 23.27 -1.54
C ILE C 107 15.87 24.54 -1.45
N MET C 108 14.56 24.38 -1.24
CA MET C 108 13.63 25.49 -1.25
C MET C 108 13.33 25.90 0.19
N LEU C 109 13.64 27.15 0.52
CA LEU C 109 13.47 27.67 1.87
C LEU C 109 12.35 28.70 1.88
N ASP C 110 11.74 28.88 3.04
CA ASP C 110 10.68 29.86 3.19
C ASP C 110 11.28 31.26 3.28
N MET C 111 10.41 32.25 3.51
CA MET C 111 10.88 33.64 3.57
C MET C 111 11.86 33.84 4.72
N SER C 112 11.62 33.18 5.85
CA SER C 112 12.48 33.29 7.02
C SER C 112 13.65 32.32 7.01
N MET C 113 13.73 31.45 6.01
CA MET C 113 14.84 30.51 5.86
C MET C 113 14.98 29.58 7.08
N GLN C 114 13.85 29.19 7.66
CA GLN C 114 13.83 28.27 8.78
C GLN C 114 13.22 26.92 8.45
N GLN C 115 12.59 26.78 7.29
CA GLN C 115 11.98 25.53 6.86
C GLN C 115 12.39 25.24 5.42
N CYS C 116 12.35 23.96 5.05
CA CYS C 116 12.70 23.55 3.70
C CYS C 116 11.71 22.52 3.20
N VAL C 117 11.60 22.43 1.87
CA VAL C 117 10.63 21.54 1.24
C VAL C 117 11.28 20.19 0.99
N LEU C 118 10.63 19.12 1.45
CA LEU C 118 11.11 17.77 1.25
C LEU C 118 10.00 16.91 0.65
N VAL C 119 10.41 15.86 -0.06
CA VAL C 119 9.48 14.96 -0.73
C VAL C 119 9.76 13.54 -0.24
N LYS C 120 8.70 12.75 -0.14
CA LYS C 120 8.79 11.35 0.28
C LYS C 120 8.05 10.48 -0.72
N GLY C 121 8.69 9.37 -1.09
CA GLY C 121 8.09 8.38 -1.98
C GLY C 121 7.16 7.44 -1.25
N TRP C 122 6.64 6.48 -2.01
CA TRP C 122 5.55 5.63 -1.51
C TRP C 122 6.04 4.57 -0.54
N LYS C 123 7.20 3.98 -0.79
CA LYS C 123 7.66 2.85 0.03
C LYS C 123 7.91 3.29 1.47
N ALA C 124 7.69 2.35 2.40
CA ALA C 124 8.01 2.59 3.79
C ALA C 124 9.50 2.84 3.99
N SER C 125 10.34 2.19 3.18
CA SER C 125 11.78 2.46 3.23
C SER C 125 12.13 3.80 2.59
N SER C 126 11.29 4.31 1.71
CA SER C 126 11.52 5.61 1.09
C SER C 126 11.53 6.70 2.16
N GLY C 127 12.62 7.46 2.22
CA GLY C 127 12.76 8.53 3.17
C GLY C 127 12.55 9.89 2.54
N TRP C 128 12.46 10.90 3.41
CA TRP C 128 12.37 12.28 2.95
C TRP C 128 13.67 12.69 2.26
N GLY C 129 13.54 13.54 1.25
CA GLY C 129 14.70 14.02 0.52
C GLY C 129 14.40 15.28 -0.24
N PHE C 130 15.45 15.96 -0.66
CA PHE C 130 15.30 17.14 -1.49
C PHE C 130 14.83 16.72 -2.88
N PRO C 131 14.00 17.54 -3.53
CA PRO C 131 13.61 17.24 -4.92
C PRO C 131 14.82 17.37 -5.84
N LYS C 132 15.11 16.29 -6.55
CA LYS C 132 16.33 16.22 -7.35
C LYS C 132 16.22 15.03 -8.27
N GLY C 133 17.07 15.02 -9.30
CA GLY C 133 17.05 13.90 -10.23
C GLY C 133 18.27 13.88 -11.12
N LYS C 134 18.42 12.77 -11.83
CA LYS C 134 19.54 12.55 -12.72
C LYS C 134 19.34 13.35 -14.00
N ILE C 135 20.43 13.95 -14.49
CA ILE C 135 20.34 14.89 -15.60
C ILE C 135 20.13 14.13 -16.91
N ASP C 136 19.36 14.74 -17.81
CA ASP C 136 19.19 14.16 -19.14
C ASP C 136 20.36 14.55 -20.04
N LYS C 137 20.40 13.93 -21.21
CA LYS C 137 21.43 14.23 -22.19
C LYS C 137 21.25 15.64 -22.74
N ASP C 138 22.36 16.38 -22.85
CA ASP C 138 22.39 17.76 -23.33
C ASP C 138 21.54 18.70 -22.48
N GLU C 139 21.26 18.31 -21.24
CA GLU C 139 20.51 19.17 -20.32
C GLU C 139 21.49 19.96 -19.46
N SER C 140 21.21 21.25 -19.29
CA SER C 140 22.02 22.07 -18.41
C SER C 140 21.67 21.78 -16.94
N ASP C 141 22.61 22.11 -16.06
CA ASP C 141 22.41 21.86 -14.63
C ASP C 141 21.17 22.60 -14.13
N VAL C 142 21.06 23.88 -14.46
CA VAL C 142 19.95 24.70 -13.97
C VAL C 142 18.62 24.17 -14.54
N ASP C 143 18.60 23.84 -15.82
CA ASP C 143 17.39 23.26 -16.41
C ASP C 143 17.02 21.94 -15.74
N CYS C 144 18.02 21.13 -15.38
CA CYS C 144 17.72 19.88 -14.69
C CYS C 144 17.09 20.14 -13.33
N ALA C 145 17.62 21.12 -12.60
CA ALA C 145 17.04 21.46 -11.30
C ALA C 145 15.60 21.96 -11.45
N ILE C 146 15.37 22.90 -12.38
CA ILE C 146 14.03 23.42 -12.58
C ILE C 146 13.06 22.31 -12.98
N ARG C 147 13.50 21.44 -13.90
CA ARG C 147 12.65 20.36 -14.38
C ARG C 147 12.28 19.40 -13.25
N GLU C 148 13.27 19.00 -12.44
CA GLU C 148 12.99 18.04 -11.38
C GLU C 148 12.10 18.67 -10.29
N VAL C 149 12.33 19.94 -9.98
CA VAL C 149 11.49 20.62 -8.99
C VAL C 149 10.05 20.72 -9.49
N TYR C 150 9.88 20.96 -10.80
CA TYR C 150 8.52 21.01 -11.35
C TYR C 150 7.87 19.62 -11.34
N GLU C 151 8.63 18.59 -11.71
CA GLU C 151 8.04 17.25 -11.81
C GLU C 151 7.72 16.67 -10.44
N GLU C 152 8.50 17.00 -9.41
CA GLU C 152 8.28 16.42 -8.10
C GLU C 152 7.41 17.29 -7.20
N THR C 153 7.54 18.61 -7.28
CA THR C 153 6.79 19.51 -6.42
C THR C 153 5.76 20.36 -7.13
N GLY C 154 5.75 20.37 -8.47
CA GLY C 154 4.80 21.19 -9.20
C GLY C 154 5.02 22.68 -9.10
N PHE C 155 6.13 23.11 -8.51
CA PHE C 155 6.43 24.52 -8.35
C PHE C 155 7.41 24.96 -9.44
N ASP C 156 7.11 26.09 -10.08
CA ASP C 156 7.96 26.63 -11.14
C ASP C 156 8.96 27.59 -10.52
N CYS C 157 10.22 27.19 -10.48
CA CYS C 157 11.29 27.99 -9.87
C CYS C 157 12.19 28.64 -10.89
N SER C 158 11.82 28.64 -12.18
CA SER C 158 12.67 29.21 -13.21
C SER C 158 12.83 30.72 -13.07
N SER C 159 11.89 31.38 -12.38
CA SER C 159 11.96 32.82 -12.17
C SER C 159 12.65 33.19 -10.87
N ARG C 160 13.03 32.21 -10.05
CA ARG C 160 13.66 32.47 -8.76
C ARG C 160 14.94 31.68 -8.53
N ILE C 161 15.26 30.70 -9.36
CA ILE C 161 16.48 29.93 -9.15
C ILE C 161 17.69 30.80 -9.50
N ASN C 162 18.76 30.66 -8.71
CA ASN C 162 19.98 31.45 -8.89
C ASN C 162 21.11 30.52 -9.28
N PRO C 163 21.65 30.60 -10.50
CA PRO C 163 22.69 29.65 -10.91
C PRO C 163 23.97 29.75 -10.11
N ASN C 164 24.15 30.80 -9.31
CA ASN C 164 25.38 31.00 -8.54
C ASN C 164 25.22 30.66 -7.07
N GLU C 165 24.05 30.15 -6.65
CA GLU C 165 23.81 29.75 -5.26
C GLU C 165 23.42 28.28 -5.27
N PHE C 166 24.37 27.42 -4.90
CA PHE C 166 24.14 25.98 -4.89
C PHE C 166 25.15 25.34 -3.96
N ILE C 167 24.86 24.10 -3.58
CA ILE C 167 25.76 23.29 -2.78
C ILE C 167 26.15 22.08 -3.62
N ASP C 168 27.46 21.92 -3.82
CA ASP C 168 28.00 20.76 -4.52
C ASP C 168 28.39 19.70 -3.51
N MET C 169 28.10 18.45 -3.84
CA MET C 169 28.43 17.35 -2.95
C MET C 169 28.67 16.10 -3.79
N THR C 170 29.78 15.42 -3.54
CA THR C 170 30.09 14.16 -4.20
C THR C 170 29.79 13.03 -3.23
N ILE C 171 28.74 12.26 -3.50
CA ILE C 171 28.26 11.28 -2.53
C ILE C 171 27.60 10.12 -3.26
N ARG C 172 27.91 8.90 -2.81
CA ARG C 172 27.35 7.67 -3.35
C ARG C 172 27.52 7.59 -4.87
N GLY C 173 28.72 7.92 -5.33
CA GLY C 173 29.00 7.85 -6.75
C GLY C 173 28.24 8.84 -7.59
N GLN C 174 27.66 9.87 -6.98
CA GLN C 174 26.87 10.86 -7.69
C GLN C 174 27.42 12.26 -7.43
N ASN C 175 27.40 13.10 -8.47
CA ASN C 175 27.74 14.51 -8.34
C ASN C 175 26.43 15.27 -8.16
N VAL C 176 26.12 15.57 -6.91
CA VAL C 176 24.86 16.22 -6.55
C VAL C 176 25.09 17.71 -6.48
N ARG C 177 24.18 18.49 -7.05
CA ARG C 177 24.20 19.94 -6.92
C ARG C 177 22.79 20.41 -6.59
N LEU C 178 22.64 21.08 -5.45
CA LEU C 178 21.35 21.57 -5.00
C LEU C 178 21.35 23.09 -4.95
N TYR C 179 20.53 23.71 -5.79
CA TYR C 179 20.45 25.16 -5.83
C TYR C 179 19.57 25.66 -4.69
N ILE C 180 20.04 26.66 -3.97
CA ILE C 180 19.33 27.19 -2.81
C ILE C 180 18.38 28.27 -3.28
N ILE C 181 17.09 28.12 -2.94
CA ILE C 181 16.05 29.03 -3.39
C ILE C 181 15.23 29.48 -2.18
N PRO C 182 15.56 30.62 -1.57
CA PRO C 182 14.78 31.09 -0.41
C PRO C 182 13.60 31.94 -0.83
N GLY C 183 12.82 32.42 0.15
CA GLY C 183 11.70 33.29 -0.14
C GLY C 183 10.47 32.58 -0.66
N ILE C 184 10.47 31.25 -0.72
CA ILE C 184 9.29 30.52 -1.13
C ILE C 184 8.20 30.69 -0.08
N SER C 185 6.99 31.02 -0.51
CA SER C 185 5.90 31.24 0.42
C SER C 185 5.39 29.92 0.98
N LEU C 186 5.05 29.91 2.27
CA LEU C 186 4.45 28.73 2.87
C LEU C 186 3.08 28.44 2.29
N ASP C 187 2.41 29.45 1.73
CA ASP C 187 1.11 29.26 1.10
C ASP C 187 1.21 28.49 -0.22
N THR C 188 2.42 28.18 -0.67
CA THR C 188 2.58 27.49 -1.94
C THR C 188 1.90 26.11 -1.90
N ARG C 189 1.05 25.86 -2.88
CA ARG C 189 0.36 24.58 -3.00
C ARG C 189 1.20 23.68 -3.92
N PHE C 190 1.60 22.53 -3.41
CA PHE C 190 2.48 21.63 -4.16
C PHE C 190 1.69 20.43 -4.66
N GLU C 191 2.10 19.92 -5.82
CA GLU C 191 1.48 18.75 -6.42
C GLU C 191 2.46 18.18 -7.43
N SER C 192 2.40 16.86 -7.64
CA SER C 192 3.34 16.19 -8.52
C SER C 192 2.60 15.58 -9.71
N ARG C 193 3.37 15.15 -10.70
CA ARG C 193 2.82 14.43 -11.84
C ARG C 193 3.58 13.13 -12.08
N GLU C 197 4.00 10.30 -8.45
CA GLU C 197 5.06 9.36 -8.05
C GLU C 197 5.70 9.82 -6.75
N ILE C 198 5.15 10.89 -6.19
CA ILE C 198 5.60 11.46 -4.93
C ILE C 198 4.52 11.21 -3.90
N SER C 199 4.87 10.52 -2.81
CA SER C 199 3.87 10.25 -1.78
C SER C 199 3.45 11.54 -1.08
N LYS C 200 4.42 12.38 -0.71
CA LYS C 200 4.00 13.64 -0.11
C LYS C 200 5.10 14.69 -0.23
N ILE C 201 4.67 15.95 -0.31
CA ILE C 201 5.55 17.11 -0.29
C ILE C 201 5.21 17.90 0.97
N GLU C 202 6.23 18.26 1.76
CA GLU C 202 5.96 18.92 3.02
C GLU C 202 7.11 19.83 3.43
N TRP C 203 6.76 20.87 4.18
CA TRP C 203 7.75 21.72 4.83
C TRP C 203 8.24 21.05 6.11
N HIS C 204 9.56 20.96 6.26
CA HIS C 204 10.19 20.47 7.48
C HIS C 204 10.97 21.62 8.12
N ASN C 205 10.88 21.71 9.44
CA ASN C 205 11.69 22.68 10.18
C ASN C 205 13.16 22.26 10.14
N LEU C 206 14.04 23.22 9.91
CA LEU C 206 15.45 22.91 9.74
C LEU C 206 16.07 22.39 11.04
N MET C 207 15.74 23.01 12.18
CA MET C 207 16.32 22.56 13.44
C MET C 207 15.82 21.17 13.83
N ASP C 208 14.61 20.80 13.41
CA ASP C 208 14.11 19.46 13.70
C ASP C 208 14.84 18.39 12.90
N LEU C 209 15.48 18.76 11.79
CA LEU C 209 16.26 17.81 11.02
C LEU C 209 17.48 17.35 11.81
N PRO C 210 17.92 16.11 11.62
CA PRO C 210 19.06 15.59 12.40
C PRO C 210 20.35 16.34 12.11
N THR C 211 21.09 16.65 13.18
CA THR C 211 22.42 17.26 13.21
C THR C 211 22.41 18.76 12.94
N PHE C 212 21.26 19.36 12.62
CA PHE C 212 21.21 20.80 12.38
C PHE C 212 21.49 21.57 13.66
N LYS C 213 20.70 21.30 14.70
CA LYS C 213 20.92 21.93 15.99
C LYS C 213 22.20 21.41 16.63
N LYS C 214 22.70 22.17 17.62
CA LYS C 214 23.96 21.83 18.26
C LYS C 214 23.86 20.51 19.02
N ASN C 215 22.89 20.42 19.93
CA ASN C 215 22.69 19.22 20.76
C ASN C 215 21.18 18.99 20.88
N LYS C 216 20.66 18.06 20.10
CA LYS C 216 19.23 17.77 20.13
C LYS C 216 19.01 16.30 19.82
N PRO C 217 17.92 15.70 20.34
CA PRO C 217 17.57 14.30 20.05
C PRO C 217 16.95 14.13 18.66
N MET C 220 13.82 12.32 18.06
CA MET C 220 12.85 12.43 16.97
C MET C 220 13.23 11.52 15.81
N LYS C 221 12.39 10.51 15.58
CA LYS C 221 12.67 9.46 14.60
C LYS C 221 12.00 9.82 13.28
N ASN C 222 12.81 10.08 12.26
CA ASN C 222 12.34 10.19 10.89
C ASN C 222 13.44 9.68 9.98
N LYS C 223 13.04 9.25 8.78
CA LYS C 223 13.98 8.71 7.81
C LYS C 223 14.23 9.73 6.71
N PHE C 224 15.51 9.99 6.43
CA PHE C 224 15.93 10.94 5.41
C PHE C 224 16.93 10.27 4.48
N TYR C 225 17.00 10.78 3.26
CA TYR C 225 17.93 10.28 2.25
C TYR C 225 18.67 11.46 1.62
N MET C 226 19.99 11.51 1.83
CA MET C 226 20.86 12.53 1.25
C MET C 226 20.43 13.94 1.66
N VAL C 227 20.06 14.10 2.92
CA VAL C 227 19.69 15.39 3.48
C VAL C 227 20.70 15.87 4.52
N ILE C 228 21.18 14.96 5.37
CA ILE C 228 22.11 15.34 6.43
C ILE C 228 23.41 15.92 5.88
N PRO C 229 24.04 15.35 4.84
CA PRO C 229 25.31 15.94 4.36
C PRO C 229 25.24 17.41 3.99
N PHE C 230 24.10 17.90 3.51
CA PHE C 230 23.97 19.28 3.09
C PHE C 230 23.64 20.25 4.22
N LEU C 231 23.32 19.75 5.42
CA LEU C 231 22.81 20.64 6.46
C LEU C 231 23.88 21.58 6.99
N ALA C 232 25.13 21.12 7.09
CA ALA C 232 26.19 22.01 7.55
C ALA C 232 26.47 23.12 6.54
N PRO C 233 26.66 22.85 5.24
CA PRO C 233 26.80 23.96 4.29
C PRO C 233 25.57 24.85 4.25
N LEU C 234 24.37 24.26 4.30
CA LEU C 234 23.15 25.05 4.32
C LEU C 234 23.12 25.97 5.53
N LYS C 235 23.43 25.43 6.71
CA LYS C 235 23.48 26.26 7.92
C LYS C 235 24.44 27.43 7.74
N LYS C 236 25.66 27.15 7.26
CA LYS C 236 26.62 28.21 6.98
C LYS C 236 26.02 29.26 6.05
N TRP C 237 25.40 28.80 4.96
CA TRP C 237 24.83 29.69 3.96
C TRP C 237 23.78 30.60 4.56
N ILE C 238 22.87 30.03 5.37
CA ILE C 238 21.83 30.82 6.00
C ILE C 238 22.44 31.84 6.96
N LYS C 239 23.47 31.45 7.71
CA LYS C 239 24.12 32.41 8.60
C LYS C 239 24.73 33.57 7.82
N LYS C 240 25.33 33.29 6.65
CA LYS C 240 25.88 34.38 5.85
C LYS C 240 24.77 35.29 5.33
N ARG C 241 23.70 34.70 4.79
CA ARG C 241 22.62 35.52 4.24
C ARG C 241 21.99 36.38 5.31
N ASN C 242 21.81 35.81 6.51
CA ASN C 242 21.33 36.59 7.66
C ASN C 242 22.30 37.72 7.99
N ILE C 243 23.61 37.43 7.94
CA ILE C 243 24.60 38.46 8.24
C ILE C 243 24.52 39.59 7.24
N ALA C 244 24.20 39.27 5.98
CA ALA C 244 24.00 40.33 4.99
C ALA C 244 22.75 41.15 5.30
N ASN C 245 21.72 40.53 5.88
CA ASN C 245 20.48 41.21 6.20
C ASN C 245 20.37 41.45 7.71
N MET D 4 -47.22 -5.97 17.05
CA MET D 4 -47.74 -7.31 16.82
C MET D 4 -46.61 -8.34 16.83
N GLU D 5 -46.90 -9.51 17.38
CA GLU D 5 -45.87 -10.54 17.56
C GLU D 5 -45.55 -11.27 16.26
N ASP D 6 -46.56 -11.54 15.43
CA ASP D 6 -46.36 -12.35 14.23
C ASP D 6 -45.29 -11.77 13.33
N GLU D 7 -45.14 -10.44 13.33
CA GLU D 7 -44.16 -9.79 12.46
C GLU D 7 -42.75 -10.25 12.77
N ASN D 8 -42.44 -10.44 14.06
CA ASN D 8 -41.09 -10.88 14.42
C ASN D 8 -40.84 -12.32 14.01
N ILE D 9 -41.87 -13.18 14.09
CA ILE D 9 -41.72 -14.56 13.63
C ILE D 9 -41.45 -14.58 12.13
N LEU D 10 -42.16 -13.73 11.37
CA LEU D 10 -41.92 -13.68 9.94
C LEU D 10 -40.52 -13.14 9.62
N ARG D 11 -40.09 -12.11 10.37
CA ARG D 11 -38.76 -11.55 10.19
C ARG D 11 -37.67 -12.61 10.42
N ASN D 12 -37.72 -13.28 11.56
CA ASN D 12 -36.71 -14.29 11.87
C ASN D 12 -36.76 -15.44 10.88
N ALA D 13 -37.97 -15.80 10.41
CA ALA D 13 -38.08 -16.90 9.45
C ALA D 13 -37.39 -16.56 8.13
N VAL D 14 -37.65 -15.36 7.60
CA VAL D 14 -37.01 -14.97 6.35
C VAL D 14 -35.50 -14.87 6.53
N ASN D 15 -35.08 -14.24 7.64
CA ASN D 15 -33.65 -14.15 7.94
C ASN D 15 -32.99 -15.53 7.90
N LEU D 16 -33.61 -16.51 8.56
CA LEU D 16 -33.04 -17.86 8.59
C LEU D 16 -33.02 -18.47 7.20
N GLN D 17 -34.03 -18.19 6.37
CA GLN D 17 -34.01 -18.74 5.02
C GLN D 17 -32.84 -18.18 4.21
N VAL D 18 -32.53 -16.89 4.39
CA VAL D 18 -31.41 -16.31 3.64
C VAL D 18 -30.08 -16.87 4.14
N LEU D 19 -29.87 -16.84 5.46
CA LEU D 19 -28.64 -17.37 6.02
C LEU D 19 -28.42 -18.82 5.62
N LYS D 20 -29.48 -19.63 5.67
CA LYS D 20 -29.37 -21.01 5.20
C LYS D 20 -29.13 -21.08 3.71
N PHE D 21 -29.54 -20.07 2.94
CA PHE D 21 -29.23 -20.08 1.51
C PHE D 21 -27.74 -19.86 1.26
N HIS D 22 -27.11 -18.97 2.03
CA HIS D 22 -25.66 -18.80 1.83
C HIS D 22 -24.85 -19.86 2.56
N TYR D 23 -25.26 -20.27 3.75
CA TYR D 23 -24.52 -21.22 4.56
C TYR D 23 -25.49 -22.30 5.06
N PRO D 24 -25.56 -23.44 4.37
CA PRO D 24 -26.56 -24.45 4.73
C PRO D 24 -26.44 -25.00 6.15
N GLU D 25 -25.23 -25.03 6.71
CA GLU D 25 -25.04 -25.65 8.02
C GLU D 25 -25.65 -24.84 9.16
N ILE D 26 -26.06 -23.60 8.90
CA ILE D 26 -26.69 -22.79 9.95
C ILE D 26 -28.02 -23.42 10.35
N GLU D 27 -28.31 -23.40 11.65
CA GLU D 27 -29.50 -24.00 12.24
C GLU D 27 -30.47 -22.98 12.82
N SER D 28 -29.98 -21.99 13.55
CA SER D 28 -30.84 -21.02 14.20
C SER D 28 -30.09 -19.70 14.38
N ILE D 29 -30.84 -18.64 14.63
CA ILE D 29 -30.29 -17.30 14.85
C ILE D 29 -30.45 -16.96 16.33
N ILE D 30 -29.32 -16.79 17.01
CA ILE D 30 -29.37 -16.44 18.44
C ILE D 30 -29.77 -14.98 18.61
N ASP D 31 -29.16 -14.08 17.86
CA ASP D 31 -29.46 -12.66 18.02
C ASP D 31 -29.04 -11.92 16.76
N ILE D 32 -29.44 -10.64 16.68
CA ILE D 32 -29.18 -9.81 15.51
C ILE D 32 -28.77 -8.42 15.96
N ALA D 33 -27.74 -7.87 15.32
CA ALA D 33 -27.30 -6.49 15.48
C ALA D 33 -27.52 -5.73 14.19
N SER D 34 -27.99 -4.49 14.33
CA SER D 34 -28.51 -3.74 13.19
C SER D 34 -27.42 -3.36 12.19
N HIS D 35 -26.39 -2.66 12.65
CA HIS D 35 -25.37 -2.14 11.77
C HIS D 35 -24.01 -2.25 12.46
N VAL D 36 -23.11 -3.01 11.86
CA VAL D 36 -21.75 -3.18 12.38
C VAL D 36 -20.74 -2.94 11.28
N ALA D 37 -19.56 -2.48 11.67
CA ALA D 37 -18.42 -2.30 10.78
C ALA D 37 -17.30 -3.22 11.20
N VAL D 38 -16.57 -3.75 10.21
CA VAL D 38 -15.53 -4.74 10.42
C VAL D 38 -14.17 -4.13 10.10
N TYR D 39 -13.25 -4.22 11.06
CA TYR D 39 -11.86 -3.81 10.91
C TYR D 39 -10.96 -5.03 11.07
N GLN D 40 -9.76 -4.94 10.51
CA GLN D 40 -8.76 -5.99 10.62
C GLN D 40 -7.44 -5.42 11.10
N PHE D 41 -6.71 -6.18 11.91
CA PHE D 41 -5.36 -5.77 12.31
C PHE D 41 -4.33 -6.47 11.42
N ASP D 42 -3.46 -5.69 10.78
CA ASP D 42 -2.45 -6.26 9.90
C ASP D 42 -1.13 -6.42 10.64
N VAL D 43 -0.57 -7.63 10.59
CA VAL D 43 0.64 -7.93 11.36
C VAL D 43 1.84 -7.14 10.83
N GLY D 44 1.94 -7.00 9.51
CA GLY D 44 3.04 -6.22 8.96
C GLY D 44 2.92 -4.74 9.27
N SER D 45 1.72 -4.18 9.14
CA SER D 45 1.53 -2.77 9.43
C SER D 45 1.59 -2.48 10.92
N GLN D 46 1.27 -3.47 11.75
CA GLN D 46 1.13 -3.28 13.21
C GLN D 46 0.02 -2.29 13.52
N LYS D 47 -0.98 -2.19 12.65
CA LYS D 47 -2.02 -1.18 12.78
C LYS D 47 -3.38 -1.75 12.36
N TRP D 48 -4.42 -1.00 12.75
CA TRP D 48 -5.78 -1.29 12.35
C TRP D 48 -6.07 -0.77 10.95
N LEU D 49 -6.88 -1.54 10.21
CA LEU D 49 -7.32 -1.19 8.87
C LEU D 49 -8.83 -1.38 8.82
N LYS D 50 -9.49 -0.59 7.97
CA LYS D 50 -10.93 -0.72 7.80
C LYS D 50 -11.23 -1.62 6.62
N THR D 51 -12.05 -2.64 6.85
CA THR D 51 -12.47 -3.54 5.79
C THR D 51 -13.74 -3.02 5.12
N SER D 52 -13.94 -3.46 3.88
CA SER D 52 -15.11 -3.05 3.10
C SER D 52 -16.35 -3.89 3.41
N ILE D 53 -16.42 -4.52 4.58
CA ILE D 53 -17.55 -5.34 4.96
C ILE D 53 -18.40 -4.57 5.96
N GLU D 54 -19.67 -4.37 5.63
CA GLU D 54 -20.59 -3.61 6.46
C GLU D 54 -21.99 -4.15 6.24
N GLY D 55 -22.78 -4.16 7.28
CA GLY D 55 -24.17 -4.55 7.14
C GLY D 55 -24.68 -5.18 8.42
N THR D 56 -25.70 -6.01 8.25
CA THR D 56 -26.39 -6.61 9.39
C THR D 56 -25.59 -7.78 9.94
N PHE D 57 -25.59 -7.88 11.27
CA PHE D 57 -24.80 -8.84 12.02
C PHE D 57 -25.74 -9.90 12.58
N PHE D 58 -25.49 -11.16 12.25
CA PHE D 58 -26.32 -12.27 12.72
C PHE D 58 -25.47 -13.19 13.58
N LEU D 59 -25.83 -13.27 14.87
CA LEU D 59 -25.27 -14.26 15.78
C LEU D 59 -26.10 -15.53 15.67
N VAL D 60 -25.49 -16.58 15.12
CA VAL D 60 -26.17 -17.79 14.72
C VAL D 60 -25.54 -19.00 15.39
N LYS D 61 -26.32 -20.07 15.45
CA LYS D 61 -25.87 -21.40 15.84
C LYS D 61 -26.02 -22.30 14.62
N ASP D 62 -25.03 -23.15 14.38
CA ASP D 62 -25.06 -24.04 13.22
C ASP D 62 -25.41 -25.46 13.68
N GLN D 63 -25.28 -26.42 12.76
CA GLN D 63 -25.57 -27.81 13.11
C GLN D 63 -24.65 -28.31 14.21
N ARG D 64 -23.35 -28.02 14.11
CA ARG D 64 -22.36 -28.53 15.05
C ARG D 64 -22.38 -27.82 16.40
N ALA D 65 -23.49 -27.17 16.76
CA ALA D 65 -23.67 -26.46 18.02
C ALA D 65 -22.66 -25.33 18.21
N ARG D 66 -21.87 -25.02 17.19
CA ARG D 66 -20.92 -23.93 17.27
C ARG D 66 -21.64 -22.59 17.16
N VAL D 67 -21.15 -21.60 17.89
CA VAL D 67 -21.68 -20.25 17.84
C VAL D 67 -20.81 -19.45 16.89
N GLY D 68 -21.43 -18.72 15.97
CA GLY D 68 -20.69 -17.93 15.02
C GLY D 68 -21.53 -16.76 14.58
N TYR D 69 -20.96 -15.94 13.70
CA TYR D 69 -21.70 -14.82 13.17
C TYR D 69 -21.47 -14.66 11.68
N VAL D 70 -22.55 -14.32 10.97
CA VAL D 70 -22.52 -13.95 9.57
C VAL D 70 -22.87 -12.48 9.48
N ILE D 71 -22.10 -11.73 8.70
CA ILE D 71 -22.35 -10.32 8.45
C ILE D 71 -22.65 -10.22 6.98
N LEU D 72 -23.90 -9.83 6.67
CA LEU D 72 -24.36 -9.73 5.29
C LEU D 72 -23.90 -8.38 4.75
N ASN D 73 -22.85 -8.41 3.92
CA ASN D 73 -22.22 -7.18 3.47
C ASN D 73 -23.17 -6.38 2.60
N ARG D 74 -23.41 -5.13 2.99
CA ARG D 74 -24.23 -4.22 2.20
C ARG D 74 -23.43 -3.52 1.10
N ASN D 75 -22.12 -3.74 1.05
CA ASN D 75 -21.25 -3.10 0.07
C ASN D 75 -20.81 -4.01 -1.07
N SER D 76 -20.81 -5.32 -0.87
CA SER D 76 -20.31 -6.25 -1.88
C SER D 76 -20.88 -7.63 -1.59
N PRO D 77 -20.85 -8.55 -2.56
CA PRO D 77 -21.42 -9.89 -2.32
C PRO D 77 -20.62 -10.74 -1.34
N GLU D 78 -19.36 -10.41 -1.06
CA GLU D 78 -18.58 -11.20 -0.11
C GLU D 78 -19.05 -10.89 1.31
N ASN D 79 -19.54 -11.92 1.99
CA ASN D 79 -20.05 -11.79 3.35
C ASN D 79 -18.96 -12.22 4.33
N LEU D 80 -19.27 -12.13 5.62
CA LEU D 80 -18.30 -12.56 6.64
C LEU D 80 -18.93 -13.64 7.51
N TYR D 81 -18.28 -14.80 7.58
CA TYR D 81 -18.77 -15.90 8.41
C TYR D 81 -17.63 -16.38 9.28
N LEU D 82 -17.68 -16.06 10.57
CA LEU D 82 -16.61 -16.45 11.48
C LEU D 82 -17.18 -17.18 12.68
N PHE D 83 -16.42 -18.16 13.18
CA PHE D 83 -16.83 -18.94 14.34
C PHE D 83 -16.16 -18.40 15.60
N ILE D 84 -16.83 -18.63 16.72
CA ILE D 84 -16.33 -18.27 18.05
C ILE D 84 -16.15 -19.57 18.82
N ASN D 85 -14.91 -19.87 19.21
CA ASN D 85 -14.58 -21.16 19.80
C ASN D 85 -14.35 -21.10 21.30
N HIS D 86 -13.93 -19.97 21.84
CA HIS D 86 -13.61 -19.89 23.26
C HIS D 86 -14.05 -18.53 23.78
N PRO D 87 -14.70 -18.47 24.95
CA PRO D 87 -15.07 -17.16 25.52
C PRO D 87 -13.85 -16.29 25.77
N SER D 88 -12.69 -16.91 26.03
CA SER D 88 -11.46 -16.16 26.24
C SER D 88 -10.90 -15.59 24.95
N ASN D 89 -11.45 -15.95 23.79
CA ASN D 89 -11.00 -15.45 22.51
C ASN D 89 -11.79 -14.23 22.04
N VAL D 90 -12.64 -13.67 22.89
CA VAL D 90 -13.46 -12.52 22.56
C VAL D 90 -13.35 -11.52 23.71
N HIS D 91 -12.92 -10.30 23.39
CA HIS D 91 -12.78 -9.23 24.37
C HIS D 91 -13.67 -8.06 23.99
N LEU D 92 -14.28 -7.45 25.00
CA LEU D 92 -15.12 -6.28 24.86
C LEU D 92 -14.33 -5.04 25.26
N VAL D 93 -14.08 -4.17 24.31
CA VAL D 93 -13.39 -2.91 24.53
C VAL D 93 -14.46 -1.84 24.72
N ASP D 94 -14.23 -0.93 25.67
CA ASP D 94 -15.12 0.18 26.03
C ASP D 94 -16.22 0.45 25.01
N ARG D 95 -15.88 0.43 23.71
CA ARG D 95 -16.88 0.60 22.66
C ARG D 95 -16.61 -0.26 21.42
N TYR D 96 -15.68 -1.21 21.48
CA TYR D 96 -15.40 -2.10 20.35
C TYR D 96 -15.35 -3.54 20.81
N LEU D 97 -15.57 -4.46 19.87
CA LEU D 97 -15.51 -5.89 20.14
C LEU D 97 -14.38 -6.51 19.33
N ILE D 98 -13.36 -7.05 20.00
CA ILE D 98 -12.21 -7.66 19.35
C ILE D 98 -12.32 -9.18 19.47
N HIS D 99 -12.11 -9.87 18.34
CA HIS D 99 -12.27 -11.32 18.27
C HIS D 99 -11.06 -11.93 17.58
N ARG D 100 -10.48 -12.93 18.23
CA ARG D 100 -9.38 -13.71 17.70
C ARG D 100 -9.94 -14.96 17.02
N THR D 101 -9.87 -15.00 15.69
CA THR D 101 -10.54 -16.01 14.88
C THR D 101 -9.82 -17.35 14.91
N GLU D 102 -10.33 -18.29 14.12
CA GLU D 102 -9.74 -19.63 14.02
C GLU D 102 -8.32 -19.55 13.45
N ASN D 103 -8.09 -18.65 12.50
CA ASN D 103 -6.79 -18.46 11.89
C ASN D 103 -5.94 -17.44 12.63
N GLN D 104 -6.27 -17.16 13.89
CA GLN D 104 -5.52 -16.28 14.76
C GLN D 104 -5.50 -14.84 14.23
N HIS D 105 -6.44 -14.48 13.36
CA HIS D 105 -6.59 -13.12 12.91
C HIS D 105 -7.30 -12.28 13.96
N VAL D 106 -7.06 -10.98 13.93
CA VAL D 106 -7.63 -10.05 14.89
C VAL D 106 -8.66 -9.18 14.16
N VAL D 107 -9.93 -9.35 14.55
CA VAL D 107 -11.06 -8.68 13.92
C VAL D 107 -11.67 -7.71 14.92
N GLY D 108 -12.06 -6.54 14.43
CA GLY D 108 -12.75 -5.55 15.26
C GLY D 108 -14.14 -5.24 14.77
N LEU D 109 -15.12 -5.39 15.64
CA LEU D 109 -16.52 -5.14 15.33
C LEU D 109 -16.97 -3.88 16.04
N TRP D 110 -17.55 -2.95 15.27
CA TRP D 110 -18.12 -1.72 15.82
C TRP D 110 -19.61 -1.73 15.56
N MET D 111 -20.40 -1.83 16.63
CA MET D 111 -21.85 -1.82 16.52
C MET D 111 -22.37 -0.39 16.53
N PHE D 112 -23.29 -0.09 15.61
CA PHE D 112 -23.87 1.24 15.56
C PHE D 112 -24.73 1.53 16.78
N ASP D 113 -25.33 0.49 17.36
CA ASP D 113 -26.08 0.62 18.61
C ASP D 113 -25.25 0.10 19.76
N PRO D 114 -24.91 0.92 20.75
CA PRO D 114 -24.09 0.41 21.88
C PRO D 114 -24.80 -0.66 22.70
N ASN D 115 -26.12 -0.57 22.82
CA ASN D 115 -26.86 -1.58 23.56
C ASN D 115 -26.76 -2.92 22.86
N ASP D 116 -26.75 -2.90 21.52
CA ASP D 116 -26.49 -4.12 20.77
C ASP D 116 -25.13 -4.69 21.13
N MET D 117 -24.12 -3.83 21.28
CA MET D 117 -22.79 -4.29 21.65
C MET D 117 -22.81 -5.03 22.98
N SER D 118 -23.35 -4.40 24.03
CA SER D 118 -23.37 -5.03 25.34
C SER D 118 -24.16 -6.33 25.32
N ARG D 119 -25.38 -6.29 24.76
CA ARG D 119 -26.24 -7.46 24.77
C ARG D 119 -25.62 -8.62 24.00
N ILE D 120 -25.04 -8.35 22.83
CA ILE D 120 -24.44 -9.41 22.03
C ILE D 120 -23.23 -9.99 22.73
N PHE D 121 -22.42 -9.15 23.40
CA PHE D 121 -21.25 -9.70 24.08
C PHE D 121 -21.67 -10.63 25.21
N ASN D 122 -22.63 -10.18 26.04
CA ASN D 122 -23.06 -11.02 27.15
C ASN D 122 -23.77 -12.29 26.67
N ILE D 123 -24.52 -12.22 25.57
CA ILE D 123 -25.15 -13.43 25.06
C ILE D 123 -24.12 -14.37 24.42
N VAL D 124 -22.98 -13.84 23.97
CA VAL D 124 -21.91 -14.72 23.51
C VAL D 124 -21.29 -15.45 24.70
N LYS D 125 -21.04 -14.74 25.80
CA LYS D 125 -20.61 -15.39 27.03
C LYS D 125 -21.59 -16.48 27.48
N PRO E 11 -19.55 4.42 10.69
CA PRO E 11 -18.30 4.12 9.96
C PRO E 11 -17.11 4.94 10.46
N PRO E 12 -16.70 4.74 11.71
CA PRO E 12 -15.54 5.50 12.23
C PRO E 12 -14.26 5.06 11.55
N SER E 13 -13.32 6.01 11.45
CA SER E 13 -12.03 5.71 10.85
C SER E 13 -11.24 4.73 11.72
N PRO E 14 -10.45 3.84 11.10
CA PRO E 14 -9.66 2.88 11.89
C PRO E 14 -8.54 3.50 12.71
N SER E 15 -8.35 4.82 12.63
CA SER E 15 -7.30 5.48 13.41
C SER E 15 -7.68 5.63 14.87
N VAL E 16 -8.97 5.79 15.18
CA VAL E 16 -9.41 5.98 16.56
C VAL E 16 -9.51 4.66 17.32
N LEU E 17 -9.27 3.54 16.66
CA LEU E 17 -9.40 2.23 17.29
C LEU E 17 -8.25 1.96 18.27
N PRO E 18 -8.55 1.39 19.43
CA PRO E 18 -7.51 1.09 20.42
C PRO E 18 -6.67 -0.12 20.02
N LYS E 19 -5.64 -0.36 20.84
CA LYS E 19 -4.69 -1.42 20.60
C LYS E 19 -5.31 -2.79 20.91
N PRO E 20 -5.05 -3.81 20.09
CA PRO E 20 -5.53 -5.16 20.39
C PRO E 20 -4.75 -5.77 21.54
N PRO E 21 -5.25 -6.87 22.13
CA PRO E 21 -4.54 -7.49 23.26
C PRO E 21 -3.21 -8.12 22.87
N SER E 22 -2.23 -7.98 23.78
CA SER E 22 -0.84 -8.29 23.46
C SER E 22 -0.63 -9.77 23.13
N HIS E 23 -1.12 -10.68 23.98
CA HIS E 23 -0.87 -12.10 23.75
C HIS E 23 -1.54 -12.59 22.47
N TRP E 24 -2.59 -11.90 22.04
CA TRP E 24 -3.24 -12.22 20.78
C TRP E 24 -2.53 -11.57 19.61
N VAL E 25 -1.80 -10.49 19.87
CA VAL E 25 -1.12 -9.72 18.82
C VAL E 25 0.20 -10.41 18.47
N PRO E 26 0.48 -10.62 17.18
CA PRO E 26 1.75 -11.18 16.74
C PRO E 26 2.81 -10.14 16.39
N VAL E 27 4.06 -10.49 16.69
CA VAL E 27 5.19 -9.60 16.46
C VAL E 27 5.50 -9.51 14.96
N SER E 28 5.91 -8.31 14.53
CA SER E 28 6.08 -8.01 13.11
C SER E 28 7.52 -8.21 12.65
N PHE E 29 7.76 -9.29 11.90
CA PHE E 29 9.00 -9.58 11.15
C PHE E 29 10.22 -9.34 12.04
N ASN E 30 11.25 -8.64 11.56
CA ASN E 30 12.41 -8.29 12.37
C ASN E 30 11.94 -7.63 13.66
N PRO E 31 12.46 -8.05 14.83
CA PRO E 31 12.13 -7.45 16.13
C PRO E 31 12.52 -5.98 16.26
N SER F 5 -17.79 -13.02 -6.46
CA SER F 5 -18.49 -14.05 -5.71
C SER F 5 -19.33 -14.93 -6.64
N MET F 6 -19.84 -16.03 -6.10
CA MET F 6 -20.72 -16.93 -6.83
C MET F 6 -22.02 -17.21 -6.09
N SER F 7 -22.26 -16.53 -4.97
CA SER F 7 -23.37 -16.88 -4.08
C SER F 7 -24.75 -16.71 -4.72
N PHE F 8 -24.84 -15.96 -5.83
CA PHE F 8 -26.12 -15.68 -6.46
C PHE F 8 -26.27 -16.36 -7.82
N THR F 9 -25.32 -17.21 -8.20
CA THR F 9 -25.36 -17.84 -9.52
C THR F 9 -26.49 -18.84 -9.67
N ASN F 10 -26.97 -19.43 -8.57
CA ASN F 10 -28.00 -20.45 -8.60
C ASN F 10 -29.27 -20.04 -7.87
N ALA F 11 -29.46 -18.74 -7.65
CA ALA F 11 -30.60 -18.24 -6.90
C ALA F 11 -31.77 -17.92 -7.83
N THR F 12 -32.98 -18.22 -7.38
CA THR F 12 -34.17 -17.78 -8.06
C THR F 12 -34.43 -16.30 -7.77
N PHE F 13 -35.29 -15.69 -8.59
CA PHE F 13 -35.61 -14.28 -8.40
C PHE F 13 -36.20 -14.05 -7.00
N SER F 14 -37.04 -14.97 -6.54
CA SER F 14 -37.62 -14.86 -5.21
C SER F 14 -36.54 -14.98 -4.14
N GLN F 15 -35.57 -15.88 -4.34
CA GLN F 15 -34.45 -15.99 -3.41
C GLN F 15 -33.63 -14.70 -3.40
N VAL F 16 -33.49 -14.06 -4.55
CA VAL F 16 -32.77 -12.79 -4.62
C VAL F 16 -33.51 -11.72 -3.82
N LEU F 17 -34.84 -11.67 -3.97
CA LEU F 17 -35.62 -10.73 -3.18
C LEU F 17 -35.50 -11.04 -1.68
N ASP F 18 -35.40 -12.32 -1.33
CA ASP F 18 -35.18 -12.70 0.06
C ASP F 18 -33.85 -12.14 0.57
N ASP F 19 -32.77 -12.40 -0.17
CA ASP F 19 -31.45 -11.93 0.24
C ASP F 19 -31.41 -10.42 0.37
N LEU F 20 -31.96 -9.71 -0.61
CA LEU F 20 -31.93 -8.26 -0.56
C LEU F 20 -32.77 -7.73 0.60
N SER F 21 -33.91 -8.38 0.86
CA SER F 21 -34.78 -7.94 1.96
C SER F 21 -34.10 -8.12 3.30
N ALA F 22 -33.46 -9.27 3.53
CA ALA F 22 -32.74 -9.46 4.78
C ALA F 22 -31.53 -8.53 4.86
N ARG F 23 -30.89 -8.28 3.71
CA ARG F 23 -29.65 -7.52 3.70
C ARG F 23 -29.86 -6.04 4.00
N PHE F 24 -30.97 -5.45 3.53
CA PHE F 24 -31.08 -3.99 3.57
C PHE F 24 -32.23 -3.40 4.38
N ILE F 25 -33.33 -4.11 4.61
CA ILE F 25 -34.55 -3.49 5.09
C ILE F 25 -35.04 -4.10 6.40
N LEU F 26 -35.06 -5.43 6.53
CA LEU F 26 -35.82 -6.07 7.60
C LEU F 26 -35.30 -5.70 8.98
N ASN F 27 -33.98 -5.61 9.15
CA ASN F 27 -33.37 -5.48 10.46
C ASN F 27 -32.99 -4.04 10.80
N LEU F 28 -33.58 -3.06 10.11
CA LEU F 28 -33.34 -1.67 10.45
C LEU F 28 -33.79 -1.38 11.88
N PRO F 29 -33.12 -0.45 12.57
CA PRO F 29 -33.57 -0.09 13.92
C PRO F 29 -34.96 0.54 13.93
N ALA F 30 -35.68 0.31 15.03
CA ALA F 30 -37.03 0.83 15.16
C ALA F 30 -37.06 2.36 15.11
N GLU F 31 -35.99 3.01 15.58
CA GLU F 31 -35.88 4.46 15.53
C GLU F 31 -36.01 4.97 14.10
N GLU F 32 -35.20 4.44 13.20
CA GLU F 32 -35.15 4.88 11.82
C GLU F 32 -36.00 4.01 10.90
N GLN F 33 -36.66 2.98 11.44
CA GLN F 33 -37.53 2.13 10.61
C GLN F 33 -38.79 2.88 10.19
N SER F 34 -39.23 3.84 11.00
CA SER F 34 -40.41 4.64 10.67
C SER F 34 -40.13 5.67 9.58
N SER F 35 -38.90 6.15 9.47
CA SER F 35 -38.59 7.25 8.56
C SER F 35 -38.73 6.82 7.11
N VAL F 36 -39.47 7.61 6.34
CA VAL F 36 -39.61 7.37 4.90
C VAL F 36 -38.27 7.50 4.20
N GLU F 37 -37.51 8.54 4.53
CA GLU F 37 -36.28 8.84 3.81
C GLU F 37 -35.28 7.69 3.92
N ARG F 38 -35.05 7.19 5.14
CA ARG F 38 -34.14 6.08 5.33
C ARG F 38 -34.61 4.82 4.62
N LEU F 39 -35.91 4.52 4.69
CA LEU F 39 -36.41 3.30 4.06
C LEU F 39 -36.26 3.37 2.54
N CYS F 40 -36.61 4.51 1.94
CA CYS F 40 -36.36 4.68 0.51
C CYS F 40 -34.89 4.56 0.18
N PHE F 41 -34.02 5.13 1.02
CA PHE F 41 -32.58 4.99 0.84
C PHE F 41 -32.19 3.51 0.78
N GLN F 42 -32.73 2.71 1.71
CA GLN F 42 -32.40 1.29 1.75
C GLN F 42 -32.89 0.57 0.50
N ILE F 43 -34.10 0.90 0.03
CA ILE F 43 -34.61 0.25 -1.17
C ILE F 43 -33.76 0.61 -2.38
N GLU F 44 -33.33 1.88 -2.48
CA GLU F 44 -32.43 2.27 -3.56
C GLU F 44 -31.11 1.52 -3.49
N GLN F 45 -30.55 1.37 -2.28
CA GLN F 45 -29.31 0.62 -2.12
C GLN F 45 -29.49 -0.84 -2.55
N ALA F 46 -30.62 -1.45 -2.21
CA ALA F 46 -30.87 -2.81 -2.65
C ALA F 46 -31.00 -2.89 -4.16
N HIS F 47 -31.61 -1.86 -4.77
CA HIS F 47 -31.74 -1.82 -6.22
C HIS F 47 -30.36 -1.77 -6.88
N TRP F 48 -29.51 -0.87 -6.43
CA TRP F 48 -28.16 -0.77 -6.99
C TRP F 48 -27.37 -2.04 -6.74
N PHE F 49 -27.51 -2.64 -5.55
CA PHE F 49 -26.86 -3.91 -5.27
C PHE F 49 -27.29 -4.99 -6.26
N TYR F 50 -28.59 -5.02 -6.57
CA TYR F 50 -29.13 -6.01 -7.50
C TYR F 50 -28.57 -5.79 -8.91
N GLU F 51 -28.61 -4.54 -9.39
CA GLU F 51 -28.19 -4.28 -10.77
C GLU F 51 -26.68 -4.43 -10.94
N ASP F 52 -25.90 -3.90 -9.99
CA ASP F 52 -24.46 -3.78 -10.18
C ASP F 52 -23.73 -5.08 -9.88
N PHE F 53 -24.19 -5.84 -8.88
CA PHE F 53 -23.51 -7.05 -8.44
C PHE F 53 -24.25 -8.32 -8.84
N ILE F 54 -25.51 -8.46 -8.41
CA ILE F 54 -26.22 -9.74 -8.57
C ILE F 54 -26.41 -10.06 -10.05
N ARG F 55 -26.77 -9.04 -10.86
CA ARG F 55 -26.97 -9.26 -12.28
C ARG F 55 -25.69 -9.73 -12.97
N ALA F 56 -24.53 -9.36 -12.45
CA ALA F 56 -23.27 -9.78 -13.06
C ALA F 56 -23.13 -11.30 -13.01
N GLN F 57 -23.55 -11.93 -11.91
CA GLN F 57 -23.52 -13.37 -11.81
C GLN F 57 -24.55 -13.99 -12.75
N ASN F 58 -24.49 -15.31 -12.89
CA ASN F 58 -25.35 -15.98 -13.87
C ASN F 58 -26.81 -15.86 -13.45
N ASP F 59 -27.65 -15.39 -14.38
CA ASP F 59 -29.08 -15.20 -14.12
C ASP F 59 -29.88 -14.84 -15.36
N GLN F 60 -31.18 -15.14 -15.35
CA GLN F 60 -32.15 -14.59 -16.27
C GLN F 60 -32.70 -13.26 -15.76
N LEU F 61 -32.14 -12.73 -14.69
CA LEU F 61 -32.67 -11.51 -14.09
C LEU F 61 -32.53 -10.33 -15.04
N PRO F 62 -33.59 -9.54 -15.22
CA PRO F 62 -33.55 -8.38 -16.12
C PRO F 62 -33.19 -7.10 -15.38
N SER F 63 -32.59 -6.18 -16.14
CA SER F 63 -32.35 -4.84 -15.60
C SER F 63 -33.70 -4.15 -15.37
N LEU F 64 -33.85 -3.54 -14.20
CA LEU F 64 -35.13 -3.00 -13.76
C LEU F 64 -34.99 -1.54 -13.35
N GLY F 65 -35.98 -0.73 -13.75
CA GLY F 65 -36.10 0.61 -13.20
C GLY F 65 -36.25 0.59 -11.69
N LEU F 66 -35.89 1.71 -11.07
CA LEU F 66 -35.97 1.81 -9.62
C LEU F 66 -37.36 1.50 -9.08
N ARG F 67 -38.40 2.05 -9.72
CA ARG F 67 -39.76 1.85 -9.21
C ARG F 67 -40.30 0.46 -9.54
N VAL F 68 -39.98 -0.09 -10.71
CA VAL F 68 -40.46 -1.44 -11.04
C VAL F 68 -39.86 -2.46 -10.08
N PHE F 69 -38.54 -2.40 -9.90
CA PHE F 69 -37.89 -3.27 -8.93
C PHE F 69 -38.44 -3.03 -7.53
N SER F 70 -38.62 -1.76 -7.16
CA SER F 70 -39.19 -1.43 -5.86
C SER F 70 -40.56 -2.06 -5.70
N ALA F 71 -41.33 -2.14 -6.79
CA ALA F 71 -42.64 -2.77 -6.75
C ALA F 71 -42.51 -4.27 -6.49
N LYS F 72 -41.61 -4.95 -7.20
CA LYS F 72 -41.46 -6.40 -6.96
C LYS F 72 -40.98 -6.70 -5.55
N LEU F 73 -39.98 -5.93 -5.07
CA LEU F 73 -39.52 -6.12 -3.70
C LEU F 73 -40.64 -5.84 -2.71
N PHE F 74 -41.41 -4.80 -2.99
CA PHE F 74 -42.55 -4.45 -2.15
C PHE F 74 -43.57 -5.58 -2.08
N ALA F 75 -43.86 -6.21 -3.21
CA ALA F 75 -44.80 -7.32 -3.22
C ALA F 75 -44.26 -8.52 -2.46
N HIS F 76 -42.95 -8.76 -2.56
CA HIS F 76 -42.40 -9.99 -2.00
C HIS F 76 -42.54 -10.03 -0.48
N CYS F 77 -42.12 -8.98 0.22
CA CYS F 77 -42.14 -9.00 1.68
C CYS F 77 -43.37 -8.26 2.19
N PRO F 78 -44.27 -8.92 2.91
CA PRO F 78 -45.47 -8.22 3.43
C PRO F 78 -45.14 -7.16 4.46
N LEU F 79 -44.04 -7.32 5.20
CA LEU F 79 -43.69 -6.34 6.23
C LEU F 79 -43.53 -4.94 5.64
N LEU F 80 -42.98 -4.83 4.43
CA LEU F 80 -42.82 -3.51 3.83
C LEU F 80 -44.16 -2.79 3.68
N TRP F 81 -45.23 -3.51 3.32
CA TRP F 81 -46.52 -2.84 3.21
C TRP F 81 -46.94 -2.26 4.56
N LYS F 82 -47.04 -3.14 5.56
CA LYS F 82 -47.30 -2.75 6.94
C LYS F 82 -46.38 -1.59 7.35
N TRP F 83 -45.07 -1.78 7.15
CA TRP F 83 -44.09 -0.70 7.35
C TRP F 83 -44.45 0.55 6.56
N SER F 84 -44.51 0.43 5.24
CA SER F 84 -44.61 1.60 4.36
C SER F 84 -45.95 2.31 4.52
N LYS F 85 -47.05 1.54 4.43
CA LYS F 85 -48.38 2.10 4.67
C LYS F 85 -48.38 2.76 6.04
N VAL F 86 -49.34 3.64 6.27
CA VAL F 86 -49.37 4.46 7.48
C VAL F 86 -48.14 5.37 7.41
N HIS F 87 -47.87 5.87 6.19
CA HIS F 87 -46.86 6.89 5.85
C HIS F 87 -46.64 6.94 4.34
N ALA F 90 -46.88 9.59 2.55
CA ALA F 90 -46.89 9.29 1.13
C ALA F 90 -45.48 9.01 0.62
N PHE F 91 -44.92 7.88 1.02
CA PHE F 91 -43.59 7.49 0.56
C PHE F 91 -43.55 7.19 -0.93
N ASP F 92 -44.71 6.84 -1.50
CA ASP F 92 -44.80 6.56 -2.94
C ASP F 92 -44.52 7.82 -3.75
N ASP F 93 -45.31 8.87 -3.50
CA ASP F 93 -45.00 10.19 -4.05
C ASP F 93 -43.56 10.57 -3.81
N PHE F 94 -42.97 10.15 -2.69
CA PHE F 94 -41.57 10.46 -2.41
C PHE F 94 -40.67 9.77 -3.43
N LEU F 95 -40.82 8.45 -3.61
CA LEU F 95 -40.02 7.75 -4.60
C LEU F 95 -40.17 8.37 -5.98
N ARG F 96 -41.42 8.64 -6.37
CA ARG F 96 -41.71 9.16 -7.70
C ARG F 96 -41.13 10.56 -7.92
N TYR F 97 -41.19 11.41 -6.89
CA TYR F 97 -40.84 12.82 -7.04
C TYR F 97 -39.60 13.25 -6.28
N LYS F 98 -38.87 12.34 -5.63
CA LYS F 98 -37.67 12.75 -4.92
C LYS F 98 -36.66 13.31 -5.92
N THR F 99 -36.18 14.52 -5.63
CA THR F 99 -35.09 15.09 -6.40
C THR F 99 -33.79 14.44 -5.94
N ARG F 100 -33.08 13.81 -6.87
CA ARG F 100 -31.87 13.08 -6.55
C ARG F 100 -30.66 13.83 -7.07
N ILE F 101 -29.52 13.57 -6.46
CA ILE F 101 -28.30 14.33 -6.79
C ILE F 101 -27.90 14.03 -8.23
N PRO F 102 -27.66 15.05 -9.05
CA PRO F 102 -27.27 14.79 -10.44
C PRO F 102 -25.78 14.52 -10.53
N VAL F 103 -25.43 13.41 -11.18
CA VAL F 103 -24.05 13.06 -11.47
C VAL F 103 -23.90 12.86 -12.97
N ARG F 104 -22.82 13.39 -13.53
CA ARG F 104 -22.65 13.42 -14.97
C ARG F 104 -21.28 12.87 -15.36
N GLY F 105 -21.25 12.21 -16.50
CA GLY F 105 -20.03 11.62 -17.00
C GLY F 105 -20.13 11.32 -18.48
N ALA F 106 -19.15 10.57 -18.98
CA ALA F 106 -19.11 10.22 -20.39
C ALA F 106 -18.68 8.77 -20.56
N ILE F 107 -19.17 8.16 -21.63
CA ILE F 107 -18.72 6.87 -22.13
C ILE F 107 -17.96 7.13 -23.42
N MET F 108 -16.64 6.96 -23.38
CA MET F 108 -15.78 7.28 -24.52
C MET F 108 -15.43 6.00 -25.27
N LEU F 109 -15.78 5.97 -26.55
CA LEU F 109 -15.57 4.80 -27.40
C LEU F 109 -14.51 5.10 -28.45
N ASP F 110 -13.85 4.04 -28.91
CA ASP F 110 -12.85 4.17 -29.96
C ASP F 110 -13.51 4.34 -31.32
N MET F 111 -12.69 4.39 -32.37
CA MET F 111 -13.21 4.59 -33.71
C MET F 111 -14.13 3.45 -34.14
N SER F 112 -13.78 2.23 -33.75
CA SER F 112 -14.58 1.05 -34.10
C SER F 112 -15.72 0.78 -33.12
N MET F 113 -15.83 1.57 -32.05
CA MET F 113 -16.90 1.41 -31.05
C MET F 113 -16.88 0.03 -30.42
N GLN F 114 -15.68 -0.49 -30.19
CA GLN F 114 -15.50 -1.78 -29.53
C GLN F 114 -14.87 -1.68 -28.16
N GLN F 115 -14.33 -0.52 -27.78
CA GLN F 115 -13.67 -0.34 -26.50
C GLN F 115 -14.18 0.94 -25.83
N CYS F 116 -14.05 0.98 -24.51
CA CYS F 116 -14.47 2.14 -23.74
C CYS F 116 -13.41 2.46 -22.69
N VAL F 117 -13.40 3.72 -22.27
CA VAL F 117 -12.41 4.21 -21.31
C VAL F 117 -12.96 4.07 -19.90
N LEU F 118 -12.20 3.42 -19.02
CA LEU F 118 -12.60 3.25 -17.64
C LEU F 118 -11.48 3.71 -16.72
N VAL F 119 -11.86 4.11 -15.50
CA VAL F 119 -10.93 4.59 -14.50
C VAL F 119 -11.09 3.74 -13.24
N LYS F 120 -9.97 3.51 -12.56
CA LYS F 120 -9.97 2.76 -11.31
C LYS F 120 -9.18 3.54 -10.27
N GLY F 121 -9.74 3.60 -9.05
CA GLY F 121 -9.09 4.27 -7.94
C GLY F 121 -8.03 3.41 -7.28
N TRP F 122 -7.47 3.96 -6.20
CA TRP F 122 -6.30 3.35 -5.57
C TRP F 122 -6.68 2.12 -4.75
N LYS F 123 -7.83 2.15 -4.10
CA LYS F 123 -8.22 1.08 -3.18
C LYS F 123 -8.38 -0.24 -3.92
N ALA F 124 -8.08 -1.33 -3.22
CA ALA F 124 -8.33 -2.66 -3.77
C ALA F 124 -9.82 -2.88 -4.00
N SER F 125 -10.67 -2.30 -3.15
CA SER F 125 -12.11 -2.38 -3.36
C SER F 125 -12.58 -1.47 -4.47
N SER F 126 -11.80 -0.44 -4.82
CA SER F 126 -12.15 0.44 -5.91
C SER F 126 -12.20 -0.34 -7.22
N GLY F 127 -13.35 -0.29 -7.89
CA GLY F 127 -13.54 -0.96 -9.15
C GLY F 127 -13.45 -0.01 -10.33
N TRP F 128 -13.39 -0.62 -11.52
CA TRP F 128 -13.42 0.17 -12.75
C TRP F 128 -14.78 0.84 -12.92
N GLY F 129 -14.77 2.03 -13.47
CA GLY F 129 -16.00 2.76 -13.68
C GLY F 129 -15.83 3.85 -14.71
N PHE F 130 -16.96 4.34 -15.20
CA PHE F 130 -16.92 5.45 -16.14
C PHE F 130 -16.54 6.73 -15.40
N PRO F 131 -15.79 7.63 -16.06
CA PRO F 131 -15.48 8.93 -15.44
C PRO F 131 -16.73 9.75 -15.31
N LYS F 132 -17.03 10.19 -14.09
CA LYS F 132 -18.27 10.89 -13.78
C LYS F 132 -18.13 11.49 -12.39
N GLY F 133 -19.00 12.45 -12.09
CA GLY F 133 -18.91 13.10 -10.80
C GLY F 133 -20.14 13.91 -10.48
N LYS F 134 -20.19 14.36 -9.23
CA LYS F 134 -21.32 15.12 -8.73
C LYS F 134 -21.30 16.53 -9.30
N ILE F 135 -22.47 17.01 -9.69
CA ILE F 135 -22.57 18.29 -10.38
C ILE F 135 -22.37 19.42 -9.38
N ASP F 136 -21.69 20.48 -9.82
CA ASP F 136 -21.54 21.67 -9.01
C ASP F 136 -22.75 22.59 -9.20
N LYS F 137 -22.85 23.60 -8.35
CA LYS F 137 -23.99 24.49 -8.38
C LYS F 137 -23.93 25.41 -9.60
N ASP F 138 -25.09 25.59 -10.24
CA ASP F 138 -25.26 26.46 -11.41
C ASP F 138 -24.40 26.02 -12.59
N GLU F 139 -23.95 24.77 -12.60
CA GLU F 139 -23.20 24.20 -13.70
C GLU F 139 -24.16 23.45 -14.62
N SER F 140 -24.02 23.65 -15.93
CA SER F 140 -24.85 22.91 -16.85
C SER F 140 -24.38 21.46 -16.95
N ASP F 141 -25.29 20.59 -17.39
CA ASP F 141 -25.01 19.16 -17.44
C ASP F 141 -23.79 18.85 -18.31
N VAL F 142 -23.78 19.39 -19.54
CA VAL F 142 -22.69 19.10 -20.47
C VAL F 142 -21.38 19.62 -19.93
N ASP F 143 -21.38 20.83 -19.36
CA ASP F 143 -20.17 21.38 -18.77
C ASP F 143 -19.66 20.51 -17.63
N CYS F 144 -20.57 19.95 -16.83
CA CYS F 144 -20.17 19.06 -15.75
C CYS F 144 -19.52 17.79 -16.30
N ALA F 145 -20.09 17.23 -17.36
CA ALA F 145 -19.50 16.03 -17.96
C ALA F 145 -18.10 16.32 -18.49
N ILE F 146 -17.94 17.43 -19.22
CA ILE F 146 -16.64 17.79 -19.75
C ILE F 146 -15.64 17.98 -18.62
N ARG F 147 -16.07 18.68 -17.56
CA ARG F 147 -15.19 18.93 -16.42
C ARG F 147 -14.71 17.62 -15.79
N GLU F 148 -15.65 16.70 -15.53
CA GLU F 148 -15.26 15.46 -14.85
C GLU F 148 -14.37 14.59 -15.72
N VAL F 149 -14.67 14.51 -17.02
CA VAL F 149 -13.83 13.70 -17.90
C VAL F 149 -12.44 14.28 -18.01
N TYR F 150 -12.33 15.62 -18.07
CA TYR F 150 -11.01 16.23 -18.14
C TYR F 150 -10.23 16.03 -16.84
N GLU F 151 -10.89 16.18 -15.70
CA GLU F 151 -10.17 16.06 -14.43
C GLU F 151 -9.76 14.63 -14.14
N GLU F 152 -10.53 13.64 -14.60
CA GLU F 152 -10.20 12.26 -14.28
C GLU F 152 -9.31 11.59 -15.33
N THR F 153 -9.50 11.93 -16.60
CA THR F 153 -8.75 11.29 -17.67
C THR F 153 -7.75 12.22 -18.35
N GLY F 154 -7.76 13.51 -18.04
CA GLY F 154 -6.86 14.45 -18.67
C GLY F 154 -7.13 14.71 -20.12
N PHE F 155 -8.22 14.18 -20.66
CA PHE F 155 -8.61 14.37 -22.05
C PHE F 155 -9.70 15.44 -22.12
N ASP F 156 -9.53 16.39 -23.03
CA ASP F 156 -10.51 17.46 -23.24
C ASP F 156 -11.47 17.01 -24.32
N CYS F 157 -12.71 16.72 -23.93
CA CYS F 157 -13.72 16.18 -24.83
C CYS F 157 -14.78 17.20 -25.21
N SER F 158 -14.56 18.49 -24.94
CA SER F 158 -15.56 19.50 -25.23
C SER F 158 -15.83 19.67 -26.72
N SER F 159 -14.92 19.22 -27.59
CA SER F 159 -15.10 19.35 -29.03
C SER F 159 -15.81 18.17 -29.68
N ARG F 160 -16.12 17.11 -28.91
CA ARG F 160 -16.73 15.93 -29.48
C ARG F 160 -17.97 15.45 -28.75
N ILE F 161 -18.29 16.00 -27.58
CA ILE F 161 -19.48 15.58 -26.85
C ILE F 161 -20.73 16.06 -27.57
N ASN F 162 -21.77 15.24 -27.57
CA ASN F 162 -23.02 15.56 -28.25
C ASN F 162 -24.11 15.72 -27.20
N PRO F 163 -24.65 16.92 -27.01
CA PRO F 163 -25.64 17.12 -25.93
C PRO F 163 -26.92 16.32 -26.10
N ASN F 164 -27.17 15.74 -27.28
CA ASN F 164 -28.38 14.98 -27.52
C ASN F 164 -28.15 13.47 -27.51
N GLU F 165 -26.94 13.02 -27.18
CA GLU F 165 -26.59 11.60 -27.12
C GLU F 165 -26.13 11.30 -25.71
N PHE F 166 -26.98 10.66 -24.92
CA PHE F 166 -26.67 10.36 -23.53
C PHE F 166 -27.55 9.21 -23.05
N ILE F 167 -27.11 8.59 -21.95
CA ILE F 167 -27.87 7.54 -21.28
C ILE F 167 -28.19 8.01 -19.86
N ASP F 168 -29.48 8.05 -19.55
CA ASP F 168 -29.97 8.40 -18.21
C ASP F 168 -30.22 7.13 -17.41
N MET F 169 -29.87 7.19 -16.11
CA MET F 169 -30.09 6.06 -15.22
C MET F 169 -30.30 6.60 -13.81
N THR F 170 -31.35 6.12 -13.14
CA THR F 170 -31.62 6.47 -11.76
C THR F 170 -31.15 5.29 -10.91
N ILE F 171 -30.06 5.49 -10.17
CA ILE F 171 -29.42 4.37 -9.49
C ILE F 171 -28.73 4.87 -8.22
N ARG F 172 -28.90 4.13 -7.13
CA ARG F 172 -28.29 4.41 -5.83
C ARG F 172 -28.53 5.85 -5.39
N GLY F 173 -29.78 6.29 -5.52
CA GLY F 173 -30.14 7.63 -5.10
C GLY F 173 -29.51 8.73 -5.92
N GLN F 174 -28.97 8.40 -7.09
CA GLN F 174 -28.30 9.35 -7.95
C GLN F 174 -28.96 9.37 -9.33
N ASN F 175 -29.06 10.56 -9.91
CA ASN F 175 -29.53 10.74 -11.28
C ASN F 175 -28.29 10.83 -12.15
N VAL F 176 -27.92 9.71 -12.76
CA VAL F 176 -26.70 9.58 -13.55
C VAL F 176 -27.02 9.86 -15.01
N ARG F 177 -26.17 10.64 -15.66
CA ARG F 177 -26.26 10.86 -17.11
C ARG F 177 -24.87 10.72 -17.70
N LEU F 178 -24.72 9.76 -18.63
CA LEU F 178 -23.43 9.51 -19.28
C LEU F 178 -23.56 9.79 -20.77
N TYR F 179 -22.84 10.81 -21.24
CA TYR F 179 -22.87 11.19 -22.66
C TYR F 179 -21.98 10.25 -23.46
N ILE F 180 -22.49 9.76 -24.59
CA ILE F 180 -21.77 8.83 -25.43
C ILE F 180 -20.91 9.60 -26.42
N ILE F 181 -19.61 9.32 -26.42
CA ILE F 181 -18.65 10.04 -27.26
C ILE F 181 -17.80 9.04 -28.03
N PRO F 182 -18.16 8.69 -29.27
CA PRO F 182 -17.35 7.74 -30.03
C PRO F 182 -16.24 8.41 -30.81
N GLY F 183 -15.44 7.63 -31.53
CA GLY F 183 -14.39 8.17 -32.38
C GLY F 183 -13.12 8.57 -31.66
N ILE F 184 -13.00 8.31 -30.36
CA ILE F 184 -11.77 8.63 -29.64
C ILE F 184 -10.65 7.73 -30.15
N SER F 185 -9.50 8.32 -30.44
CA SER F 185 -8.37 7.55 -30.95
C SER F 185 -7.73 6.74 -29.84
N LEU F 186 -7.32 5.51 -30.17
CA LEU F 186 -6.64 4.65 -29.21
C LEU F 186 -5.28 5.20 -28.81
N ASP F 187 -4.67 6.05 -29.63
CA ASP F 187 -3.38 6.67 -29.34
C ASP F 187 -3.46 7.73 -28.25
N THR F 188 -4.66 8.03 -27.74
CA THR F 188 -4.83 9.09 -26.75
C THR F 188 -4.05 8.79 -25.47
N ARG F 189 -3.25 9.76 -25.05
CA ARG F 189 -2.47 9.67 -23.81
C ARG F 189 -3.29 10.26 -22.66
N PHE F 190 -3.51 9.45 -21.62
CA PHE F 190 -4.33 9.85 -20.48
C PHE F 190 -3.47 10.10 -19.25
N GLU F 191 -3.97 10.98 -18.39
CA GLU F 191 -3.33 11.33 -17.12
C GLU F 191 -4.41 11.90 -16.22
N SER F 192 -4.19 11.82 -14.92
CA SER F 192 -5.21 12.19 -13.94
C SER F 192 -4.80 13.46 -13.22
N ARG F 193 -5.64 14.49 -13.35
CA ARG F 193 -5.43 15.77 -12.68
C ARG F 193 -5.72 15.70 -11.18
N THR F 194 -6.27 14.60 -10.70
CA THR F 194 -6.60 14.46 -9.29
C THR F 194 -5.34 14.33 -8.43
N GLU F 197 -6.17 10.41 -6.73
CA GLU F 197 -7.47 9.77 -6.55
C GLU F 197 -7.71 8.70 -7.60
N ILE F 198 -7.28 8.96 -8.84
CA ILE F 198 -7.44 8.02 -9.94
C ILE F 198 -6.16 7.21 -10.06
N SER F 199 -6.26 5.90 -9.83
CA SER F 199 -5.09 5.03 -9.94
C SER F 199 -4.71 4.77 -11.39
N LYS F 200 -5.69 4.44 -12.23
CA LYS F 200 -5.33 4.14 -13.62
C LYS F 200 -6.52 4.35 -14.55
N ILE F 201 -6.20 4.68 -15.80
CA ILE F 201 -7.16 4.82 -16.89
C ILE F 201 -6.80 3.79 -17.96
N GLU F 202 -7.79 3.05 -18.45
CA GLU F 202 -7.51 1.98 -19.40
C GLU F 202 -8.69 1.77 -20.34
N TRP F 203 -8.36 1.32 -21.56
CA TRP F 203 -9.37 0.86 -22.52
C TRP F 203 -9.77 -0.57 -22.20
N HIS F 204 -11.07 -0.81 -22.10
CA HIS F 204 -11.63 -2.14 -21.95
C HIS F 204 -12.46 -2.49 -23.18
N ASN F 205 -12.33 -3.73 -23.65
CA ASN F 205 -13.22 -4.21 -24.68
C ASN F 205 -14.61 -4.41 -24.10
N LEU F 206 -15.63 -3.98 -24.86
CA LEU F 206 -17.00 -4.05 -24.36
C LEU F 206 -17.42 -5.49 -24.14
N MET F 207 -17.00 -6.39 -25.02
CA MET F 207 -17.38 -7.80 -24.90
C MET F 207 -16.76 -8.42 -23.65
N ASP F 208 -15.61 -7.92 -23.20
CA ASP F 208 -14.99 -8.42 -21.99
C ASP F 208 -15.75 -8.00 -20.73
N LEU F 209 -16.56 -6.94 -20.81
CA LEU F 209 -17.32 -6.51 -19.65
C LEU F 209 -18.42 -7.53 -19.33
N PRO F 210 -18.74 -7.70 -18.05
CA PRO F 210 -19.76 -8.69 -17.68
C PRO F 210 -21.13 -8.31 -18.22
N THR F 211 -21.83 -9.31 -18.74
CA THR F 211 -23.22 -9.28 -19.21
C THR F 211 -23.37 -8.59 -20.57
N PHE F 212 -22.29 -8.06 -21.17
CA PHE F 212 -22.43 -7.41 -22.47
C PHE F 212 -22.82 -8.42 -23.54
N LYS F 213 -22.02 -9.46 -23.73
CA LYS F 213 -22.39 -10.51 -24.65
C LYS F 213 -23.53 -11.35 -24.08
N LYS F 214 -24.15 -12.13 -24.96
CA LYS F 214 -25.31 -12.93 -24.58
C LYS F 214 -24.98 -13.96 -23.50
N ASN F 215 -23.72 -14.33 -23.34
CA ASN F 215 -23.32 -15.37 -22.40
C ASN F 215 -22.14 -14.88 -21.56
N LYS F 216 -22.37 -14.72 -20.26
CA LYS F 216 -21.38 -14.27 -19.29
C LYS F 216 -20.68 -12.99 -19.72
N MET F 220 -15.34 -13.36 -11.82
CA MET F 220 -15.05 -11.99 -11.41
C MET F 220 -13.54 -11.72 -11.42
N LYS F 221 -12.98 -11.55 -12.62
CA LYS F 221 -11.56 -11.22 -12.72
C LYS F 221 -11.29 -9.78 -12.31
N ASN F 222 -12.17 -8.86 -12.71
CA ASN F 222 -12.05 -7.46 -12.35
C ASN F 222 -13.32 -6.98 -11.65
N LYS F 223 -13.18 -5.90 -10.90
CA LYS F 223 -14.28 -5.30 -10.15
C LYS F 223 -14.75 -4.05 -10.87
N PHE F 224 -16.06 -3.90 -11.01
CA PHE F 224 -16.65 -2.77 -11.68
C PHE F 224 -17.65 -2.07 -10.77
N TYR F 225 -17.84 -0.77 -11.00
CA TYR F 225 -18.79 0.03 -10.23
C TYR F 225 -19.63 0.86 -11.19
N MET F 226 -20.93 0.59 -11.22
CA MET F 226 -21.89 1.34 -12.02
C MET F 226 -21.52 1.32 -13.51
N VAL F 227 -21.11 0.15 -13.99
CA VAL F 227 -20.81 -0.06 -15.39
C VAL F 227 -21.81 -1.00 -16.04
N ILE F 228 -22.20 -2.07 -15.34
CA ILE F 228 -23.13 -3.05 -15.91
C ILE F 228 -24.49 -2.43 -16.24
N PRO F 229 -25.11 -1.62 -15.38
CA PRO F 229 -26.45 -1.09 -15.71
C PRO F 229 -26.52 -0.36 -17.05
N PHE F 230 -25.44 0.28 -17.48
CA PHE F 230 -25.46 1.03 -18.73
C PHE F 230 -25.15 0.17 -19.95
N LEU F 231 -24.77 -1.09 -19.77
CA LEU F 231 -24.31 -1.89 -20.90
C LEU F 231 -25.47 -2.23 -21.84
N ALA F 232 -26.66 -2.47 -21.30
CA ALA F 232 -27.79 -2.79 -22.17
C ALA F 232 -28.20 -1.63 -23.06
N PRO F 233 -28.41 -0.41 -22.56
CA PRO F 233 -28.68 0.70 -23.49
C PRO F 233 -27.52 1.00 -24.42
N LEU F 234 -26.29 0.99 -23.90
CA LEU F 234 -25.13 1.31 -24.72
C LEU F 234 -25.05 0.39 -25.92
N LYS F 235 -25.19 -0.92 -25.70
CA LYS F 235 -25.20 -1.87 -26.80
C LYS F 235 -26.23 -1.46 -27.85
N LYS F 236 -27.47 -1.23 -27.41
CA LYS F 236 -28.52 -0.80 -28.32
C LYS F 236 -28.06 0.43 -29.09
N TRP F 237 -27.54 1.43 -28.36
CA TRP F 237 -27.13 2.66 -29.01
C TRP F 237 -26.09 2.39 -30.08
N ILE F 238 -25.08 1.58 -29.76
CA ILE F 238 -24.04 1.29 -30.75
C ILE F 238 -24.65 0.58 -31.94
N LYS F 239 -25.56 -0.36 -31.68
CA LYS F 239 -26.21 -1.09 -32.75
C LYS F 239 -26.92 -0.14 -33.70
N LYS F 240 -27.47 0.95 -33.17
CA LYS F 240 -28.10 1.93 -34.04
C LYS F 240 -27.07 2.61 -34.93
N ARG F 241 -26.00 3.15 -34.35
CA ARG F 241 -25.08 3.97 -35.13
C ARG F 241 -24.41 3.17 -36.24
N ASN F 242 -23.96 1.96 -35.92
CA ASN F 242 -23.38 1.11 -36.94
C ASN F 242 -24.36 0.86 -38.07
N ILE F 243 -25.62 0.57 -37.73
CA ILE F 243 -26.60 0.29 -38.78
C ILE F 243 -26.87 1.56 -39.57
N ALA F 244 -26.74 2.72 -38.93
CA ALA F 244 -26.89 3.97 -39.67
C ALA F 244 -25.75 4.18 -40.65
N ASN F 245 -24.54 3.70 -40.32
CA ASN F 245 -23.37 3.92 -41.16
C ASN F 245 -23.03 2.72 -42.02
N ASN F 246 -23.80 1.63 -41.91
CA ASN F 246 -23.58 0.45 -42.75
C ASN F 246 -24.85 0.09 -43.51
#